data_7YOJ
#
_entry.id   7YOJ
#
_cell.length_a   1.00
_cell.length_b   1.00
_cell.length_c   1.00
_cell.angle_alpha   90.00
_cell.angle_beta   90.00
_cell.angle_gamma   90.00
#
_symmetry.space_group_name_H-M   'P 1'
#
loop_
_entity.id
_entity.type
_entity.pdbx_description
1 polymer CasPi
2 polymer "DNA (5'-D(P*CP*GP*GP*GP*AP*TP*GP*CP*CP*CP*AP*G)-3')"
3 polymer 'DNA (30-MER)'
4 polymer 'RNA (174-MER)'
#
loop_
_entity_poly.entity_id
_entity_poly.type
_entity_poly.pdbx_seq_one_letter_code
_entity_poly.pdbx_strand_id
1 'polypeptide(L)'
;MAKATKEVKSKRVEALRQVAYQRLERLERKAQKIGAHLRKPGKAADLQSLHYLLHKVEVEYHDIARNLEKDPTWTPKPKM
RREKRAIVPESGPAAPLPTTAKGEPGRPANRHIPPPVPLDSARIPEDQQSMGQGSGGRSWCSAPFVEVKLPPTQWSNVRE
KLLKFRIEDDADIVRRWAEAKFGSIETARDGLRASAEIGTSPDVWRSFISRAISNGKKDFEPLLSLDDDELTADATAERV
VRRWHQIDWVGRMLDSILETVPSGVSKDTFRSRVESRLKTFHSSVNSFELKKRKDGTVERKRKHTNPQFPYLSPSAVSID
PDVVTMEAVELLQMQPEERFAKDPNDANGRMRLRVLQAELGKARREALGRRGEKAPPWSGRKVFRGTTTRKREACLVWDK
EAQADGLYFALVMSGGPKIDDKRFVYMDGQPLQSDWQLHNGVAGKAKSCRAMPLILKHDFLRWYHRHIKNHDVNAPLEKR
CVHTTTQFVFVEPDEKKGLQPRLFIRPVFKFYDPVYEVPDSHSIDKKPDCRYLIGIARGVNYPYRAAVYDCETNSIIADK
FVDGRKADWERIRNELAYHQRRRDLLRNSRASSAAIQREIRAIARIRKRERGLNKVETVESIARLVDWAEENLGKCNYCF
VLADLSSNLNLGRNNRVKHIAAIKEALINQMRKRGYRFKKSGKVDGVREESAWYTSAVAPSGWWAKKEEVDGAWKADKTR
PLARKIGSYYCCEEIDGLHLRGVLKGLGRAKRLVLQSDDPSAPTRRRGFGSELFWDPYCTELCGHAFPQGVVLDADFIGA
FNIALRPLVREELGKKAKAVDLADRHQTLNPTVALRCGVTAYEFVEVGGDPRGGLRKILLNPAEAVI
;
A
2 'polydeoxyribonucleotide' (DC)(DG)(DG)(DG)(DA)(DT)(DG)(DC)(DC)(DC)(DA)(DG) C
3 'polydeoxyribonucleotide'
;(DG)(DT)(DT)(DC)(DA)(DC)(DC)(DA)(DG)(DG)(DG)(DT)(DG)(DT)(DC)(DG)(DC)(DC)(DC)(DT)
(DG)(DG)(DG)(DC)(DA)(DT)(DC)(DC)(DC)(DG)
;
D
4 'polyribonucleotide'
;GUCUGCCGAAGACGCCGCACGGAGCCUGGGCCGGAAUCGUAGAUCGAACGCGGCAUCGAAGCCCUGCAGCCCUUCGGGGC
CAAGGCGGCGCAGCAAGCCUCUUUCAGGCGGCAGAGUCCUUUAGAGUGUGAGAGACACUCUAAAGGAAUGAAAGAGGGCG
ACACCCUGGUGAAC
;
B
#
loop_
_chem_comp.id
_chem_comp.type
_chem_comp.name
_chem_comp.formula
A RNA linking ADENOSINE-5'-MONOPHOSPHATE 'C10 H14 N5 O7 P'
C RNA linking CYTIDINE-5'-MONOPHOSPHATE 'C9 H14 N3 O8 P'
DA DNA linking 2'-DEOXYADENOSINE-5'-MONOPHOSPHATE 'C10 H14 N5 O6 P'
DC DNA linking 2'-DEOXYCYTIDINE-5'-MONOPHOSPHATE 'C9 H14 N3 O7 P'
DG DNA linking 2'-DEOXYGUANOSINE-5'-MONOPHOSPHATE 'C10 H14 N5 O7 P'
DT DNA linking THYMIDINE-5'-MONOPHOSPHATE 'C10 H15 N2 O8 P'
G RNA linking GUANOSINE-5'-MONOPHOSPHATE 'C10 H14 N5 O8 P'
U RNA linking URIDINE-5'-MONOPHOSPHATE 'C9 H13 N2 O9 P'
#
# COMPACT_ATOMS: atom_id res chain seq x y z
N MET A 1 19.67 -21.47 -59.39
CA MET A 1 19.80 -20.24 -58.54
C MET A 1 19.59 -20.58 -57.06
N ALA A 2 18.71 -21.54 -56.76
CA ALA A 2 18.38 -21.86 -55.38
C ALA A 2 19.55 -22.44 -54.61
N LYS A 3 20.35 -23.31 -55.26
CA LYS A 3 21.55 -23.85 -54.63
C LYS A 3 22.58 -22.76 -54.38
N ALA A 4 22.66 -21.80 -55.30
CA ALA A 4 23.50 -20.63 -55.10
C ALA A 4 23.04 -19.81 -53.90
N THR A 5 21.72 -19.67 -53.72
CA THR A 5 21.21 -18.94 -52.55
C THR A 5 21.52 -19.69 -51.25
N LYS A 6 21.45 -21.02 -51.27
CA LYS A 6 21.73 -21.79 -50.05
C LYS A 6 23.21 -21.70 -49.66
N GLU A 7 24.11 -21.89 -50.62
CA GLU A 7 25.54 -21.76 -50.35
C GLU A 7 25.90 -20.33 -49.96
N VAL A 8 25.26 -19.35 -50.60
CA VAL A 8 25.51 -17.96 -50.27
C VAL A 8 24.94 -17.61 -48.90
N LYS A 9 23.84 -18.23 -48.48
CA LYS A 9 23.31 -18.03 -47.13
C LYS A 9 24.26 -18.56 -46.07
N SER A 10 24.88 -19.72 -46.32
CA SER A 10 25.92 -20.21 -45.42
C SER A 10 27.11 -19.26 -45.39
N LYS A 11 27.46 -18.69 -46.56
CA LYS A 11 28.50 -17.67 -46.61
C LYS A 11 28.11 -16.41 -45.82
N ARG A 12 26.83 -16.02 -45.88
CA ARG A 12 26.32 -14.85 -45.16
C ARG A 12 26.47 -15.03 -43.66
N VAL A 13 26.03 -16.19 -43.14
CA VAL A 13 26.06 -16.39 -41.70
C VAL A 13 27.49 -16.57 -41.21
N GLU A 14 28.35 -17.26 -41.99
CA GLU A 14 29.75 -17.40 -41.59
C GLU A 14 30.49 -16.07 -41.63
N ALA A 15 30.20 -15.24 -42.65
CA ALA A 15 30.86 -13.95 -42.78
C ALA A 15 30.42 -12.98 -41.69
N LEU A 16 29.12 -12.98 -41.35
CA LEU A 16 28.65 -12.10 -40.30
C LEU A 16 29.11 -12.56 -38.92
N ARG A 17 29.27 -13.88 -38.71
CA ARG A 17 29.87 -14.34 -37.47
C ARG A 17 31.36 -14.00 -37.42
N GLN A 18 32.04 -13.98 -38.57
CA GLN A 18 33.42 -13.52 -38.62
C GLN A 18 33.53 -12.04 -38.28
N VAL A 19 32.57 -11.23 -38.75
CA VAL A 19 32.46 -9.84 -38.35
C VAL A 19 32.23 -9.71 -36.84
N ALA A 20 31.41 -10.61 -36.29
CA ALA A 20 31.17 -10.64 -34.85
C ALA A 20 32.45 -10.96 -34.08
N TYR A 21 33.28 -11.89 -34.59
CA TYR A 21 34.55 -12.17 -33.94
C TYR A 21 35.53 -11.01 -34.06
N GLN A 22 35.55 -10.31 -35.19
CA GLN A 22 36.43 -9.17 -35.37
C GLN A 22 36.04 -8.02 -34.44
N ARG A 23 34.73 -7.76 -34.33
CA ARG A 23 34.26 -6.74 -33.38
C ARG A 23 34.49 -7.20 -31.94
N LEU A 24 34.35 -8.51 -31.71
CA LEU A 24 34.62 -9.06 -30.36
C LEU A 24 36.06 -8.71 -29.98
N GLU A 25 37.03 -9.17 -30.78
CA GLU A 25 38.42 -8.88 -30.43
C GLU A 25 38.72 -7.38 -30.43
N ARG A 26 37.93 -6.58 -31.16
CA ARG A 26 38.06 -5.13 -31.03
C ARG A 26 37.67 -4.64 -29.63
N LEU A 27 36.55 -5.17 -29.12
CA LEU A 27 36.15 -4.84 -27.74
C LEU A 27 37.27 -5.31 -26.80
N GLU A 28 37.73 -6.55 -27.00
CA GLU A 28 38.76 -7.09 -26.12
C GLU A 28 40.00 -6.21 -26.09
N ARG A 29 40.42 -5.71 -27.25
CA ARG A 29 41.56 -4.80 -27.33
C ARG A 29 41.27 -3.49 -26.61
N LYS A 30 40.06 -2.94 -26.78
CA LYS A 30 39.68 -1.72 -26.08
C LYS A 30 39.64 -1.91 -24.57
N ALA A 31 39.13 -3.08 -24.13
CA ALA A 31 39.07 -3.37 -22.70
C ALA A 31 40.46 -3.54 -22.11
N GLN A 32 41.37 -4.18 -22.86
CA GLN A 32 42.75 -4.31 -22.39
C GLN A 32 43.42 -2.93 -22.29
N LYS A 33 43.16 -2.06 -23.26
CA LYS A 33 43.71 -0.70 -23.25
C LYS A 33 43.23 0.08 -22.03
N ILE A 34 41.91 0.09 -21.80
CA ILE A 34 41.40 0.88 -20.69
C ILE A 34 41.73 0.25 -19.33
N GLY A 35 41.77 -1.07 -19.22
CA GLY A 35 42.18 -1.69 -17.96
C GLY A 35 43.64 -1.43 -17.63
N ALA A 36 44.47 -1.40 -18.67
CA ALA A 36 45.89 -1.03 -18.44
C ALA A 36 45.96 0.49 -18.26
N HIS A 37 44.97 1.22 -18.78
CA HIS A 37 44.92 2.69 -18.61
C HIS A 37 44.43 3.02 -17.21
N LEU A 38 43.36 2.34 -16.75
CA LEU A 38 42.91 2.53 -15.35
C LEU A 38 44.10 2.23 -14.44
N ARG A 39 44.94 1.28 -14.85
CA ARG A 39 46.14 0.91 -14.04
C ARG A 39 47.02 2.14 -13.82
N LYS A 40 47.22 2.95 -14.87
CA LYS A 40 48.07 4.17 -14.76
C LYS A 40 47.91 4.77 -13.37
N PRO A 41 48.99 5.01 -12.60
CA PRO A 41 48.87 5.50 -11.22
C PRO A 41 48.24 6.88 -11.15
N GLY A 42 47.44 7.10 -10.10
CA GLY A 42 46.86 8.41 -9.85
C GLY A 42 45.68 8.76 -10.73
N LYS A 43 45.17 7.80 -11.48
CA LYS A 43 44.05 8.07 -12.37
C LYS A 43 42.74 8.04 -11.60
N ALA A 44 41.96 9.11 -11.74
CA ALA A 44 40.62 9.18 -11.16
C ALA A 44 39.60 9.69 -12.16
N ALA A 45 39.90 9.60 -13.47
CA ALA A 45 38.91 9.76 -14.52
C ALA A 45 38.53 8.44 -15.18
N ASP A 46 39.51 7.55 -15.37
CA ASP A 46 39.19 6.17 -15.70
C ASP A 46 38.44 5.49 -14.56
N LEU A 47 38.67 5.95 -13.33
CA LEU A 47 37.77 5.62 -12.23
C LEU A 47 36.39 6.20 -12.52
N GLN A 48 35.35 5.44 -12.15
CA GLN A 48 33.93 5.77 -12.28
C GLN A 48 33.46 5.96 -13.72
N SER A 49 33.98 6.96 -14.46
CA SER A 49 33.45 7.26 -15.78
C SER A 49 33.84 6.19 -16.81
N LEU A 50 35.13 5.93 -16.96
CA LEU A 50 35.47 4.82 -17.85
C LEU A 50 35.60 3.50 -17.13
N HIS A 51 35.35 3.47 -15.82
CA HIS A 51 34.87 2.24 -15.20
C HIS A 51 33.47 1.89 -15.72
N TYR A 52 32.64 2.90 -15.92
CA TYR A 52 31.33 2.66 -16.54
C TYR A 52 31.48 2.30 -18.01
N LEU A 53 32.46 2.89 -18.70
CA LEU A 53 32.76 2.43 -20.05
C LEU A 53 33.31 1.00 -20.05
N LEU A 54 34.02 0.60 -19.00
CA LEU A 54 34.47 -0.77 -18.85
C LEU A 54 33.31 -1.74 -18.71
N HIS A 55 32.31 -1.43 -17.89
CA HIS A 55 31.23 -2.40 -17.78
C HIS A 55 30.34 -2.34 -19.01
N LYS A 56 30.28 -1.19 -19.70
CA LYS A 56 29.56 -1.12 -20.97
C LYS A 56 30.21 -2.01 -22.03
N VAL A 57 31.54 -1.95 -22.15
CA VAL A 57 32.21 -2.73 -23.18
C VAL A 57 32.23 -4.21 -22.80
N GLU A 58 32.24 -4.54 -21.51
CA GLU A 58 32.16 -5.95 -21.14
C GLU A 58 30.72 -6.49 -21.26
N VAL A 59 29.71 -5.65 -21.05
CA VAL A 59 28.33 -6.04 -21.33
C VAL A 59 28.13 -6.29 -22.81
N GLU A 60 28.72 -5.43 -23.66
CA GLU A 60 28.67 -5.68 -25.10
C GLU A 60 29.44 -6.93 -25.49
N TYR A 61 30.55 -7.21 -24.81
CA TYR A 61 31.30 -8.45 -25.00
C TYR A 61 30.45 -9.67 -24.69
N HIS A 62 29.80 -9.66 -23.53
CA HIS A 62 28.96 -10.77 -23.10
C HIS A 62 27.75 -10.94 -24.02
N ASP A 63 27.15 -9.83 -24.45
CA ASP A 63 25.98 -9.89 -25.31
C ASP A 63 26.33 -10.40 -26.71
N ILE A 64 27.47 -9.97 -27.25
CA ILE A 64 27.91 -10.45 -28.56
C ILE A 64 28.27 -11.93 -28.49
N ALA A 65 28.94 -12.34 -27.39
CA ALA A 65 29.30 -13.74 -27.22
C ALA A 65 28.06 -14.62 -27.08
N ARG A 66 27.07 -14.17 -26.32
CA ARG A 66 25.83 -14.94 -26.15
C ARG A 66 25.03 -15.00 -27.45
N ASN A 67 24.94 -13.88 -28.17
CA ASN A 67 24.21 -13.84 -29.43
C ASN A 67 24.91 -14.63 -30.53
N LEU A 68 26.21 -14.88 -30.40
CA LEU A 68 26.87 -15.76 -31.36
C LEU A 68 26.79 -17.23 -30.96
N GLU A 69 26.87 -17.55 -29.67
CA GLU A 69 26.87 -18.97 -29.29
C GLU A 69 25.47 -19.56 -29.30
N LYS A 70 24.44 -18.77 -28.97
CA LYS A 70 23.10 -19.31 -28.84
C LYS A 70 22.42 -19.53 -30.18
N ASP A 71 22.72 -18.69 -31.18
CA ASP A 71 21.97 -18.68 -32.44
C ASP A 71 22.95 -19.12 -33.51
N PRO A 72 22.79 -20.33 -34.08
CA PRO A 72 23.71 -20.76 -35.14
C PRO A 72 23.51 -20.03 -36.46
N THR A 73 22.28 -19.67 -36.80
CA THR A 73 22.01 -18.88 -38.00
C THR A 73 22.01 -17.38 -37.71
N TRP A 74 23.10 -16.94 -37.09
CA TRP A 74 23.31 -15.55 -36.71
C TRP A 74 23.52 -14.71 -37.96
N THR A 75 22.47 -14.01 -38.39
CA THR A 75 22.50 -13.17 -39.59
C THR A 75 21.98 -11.78 -39.20
N PRO A 76 22.82 -10.95 -38.58
CA PRO A 76 22.33 -9.65 -38.10
C PRO A 76 22.17 -8.60 -39.19
N LYS A 77 20.93 -8.35 -39.61
CA LYS A 77 20.56 -7.09 -40.27
C LYS A 77 19.26 -6.53 -39.68
N PRO A 78 19.26 -6.06 -38.42
CA PRO A 78 18.06 -5.40 -37.89
C PRO A 78 18.08 -3.88 -37.91
N LYS A 79 19.16 -3.25 -38.41
CA LYS A 79 19.36 -1.79 -38.45
C LYS A 79 19.26 -1.15 -37.08
N MET A 80 19.92 -1.72 -36.06
CA MET A 80 20.03 -1.03 -34.78
C MET A 80 21.43 -0.53 -34.47
N ARG A 81 22.48 -1.09 -35.08
CA ARG A 81 23.80 -0.49 -34.91
C ARG A 81 23.90 0.81 -35.71
N ARG A 82 23.06 0.97 -36.73
CA ARG A 82 22.92 2.24 -37.43
C ARG A 82 21.89 3.15 -36.80
N GLU A 83 21.15 2.66 -35.80
CA GLU A 83 20.16 3.49 -35.12
C GLU A 83 20.84 4.54 -34.26
N LYS A 84 20.30 5.76 -34.30
CA LYS A 84 20.88 6.89 -33.60
C LYS A 84 20.38 7.01 -32.16
N ARG A 85 19.43 6.15 -31.76
CA ARG A 85 18.80 6.14 -30.44
C ARG A 85 18.18 7.50 -30.11
N ALA A 86 17.22 7.90 -30.94
CA ALA A 86 16.54 9.17 -30.76
C ALA A 86 15.54 9.11 -29.61
N ILE A 87 15.27 10.27 -29.03
CA ILE A 87 14.28 10.41 -27.98
C ILE A 87 13.12 11.26 -28.51
N VAL A 88 11.95 10.64 -28.64
CA VAL A 88 10.79 11.23 -29.29
C VAL A 88 10.05 12.37 -28.56
N PRO A 89 10.06 12.52 -27.22
CA PRO A 89 9.53 13.78 -26.66
C PRO A 89 10.37 14.99 -27.05
N GLU A 90 9.71 16.14 -27.14
CA GLU A 90 10.33 17.36 -27.63
C GLU A 90 11.25 17.93 -26.54
N SER A 91 12.07 18.91 -26.94
CA SER A 91 13.03 19.51 -26.02
C SER A 91 12.34 20.42 -25.00
N GLY A 92 11.32 21.17 -25.43
CA GLY A 92 10.65 22.09 -24.54
C GLY A 92 9.13 22.11 -24.46
N PRO A 93 8.43 20.95 -24.46
CA PRO A 93 6.95 21.09 -24.41
C PRO A 93 6.41 21.30 -23.01
N ALA A 94 6.60 22.52 -22.49
CA ALA A 94 6.16 22.85 -21.14
C ALA A 94 4.75 23.43 -21.18
N ALA A 95 3.82 22.78 -20.47
CA ALA A 95 2.42 23.20 -20.40
C ALA A 95 1.97 23.19 -18.95
N PRO A 96 2.13 24.29 -18.22
CA PRO A 96 1.68 24.36 -16.83
C PRO A 96 0.17 24.60 -16.76
N LEU A 97 -0.33 24.74 -15.54
CA LEU A 97 -1.78 24.94 -15.41
C LEU A 97 -2.11 26.41 -15.17
N PRO A 98 -3.18 26.92 -15.78
CA PRO A 98 -3.56 28.32 -15.56
C PRO A 98 -4.65 28.53 -14.52
N THR A 99 -5.31 27.46 -14.08
CA THR A 99 -6.44 27.64 -13.14
C THR A 99 -5.93 28.31 -11.86
N THR A 100 -6.59 29.37 -11.39
CA THR A 100 -6.07 30.10 -10.20
C THR A 100 -7.19 30.86 -9.48
N ALA A 101 -7.35 30.62 -8.17
CA ALA A 101 -8.35 31.35 -7.35
C ALA A 101 -9.61 31.66 -8.15
N LYS A 102 -10.45 30.65 -8.38
CA LYS A 102 -11.71 30.90 -9.10
C LYS A 102 -12.86 30.62 -8.14
N GLY A 103 -12.65 30.93 -6.86
CA GLY A 103 -13.67 30.67 -5.83
C GLY A 103 -13.02 30.44 -4.49
N GLU A 104 -12.23 29.37 -4.36
CA GLU A 104 -11.47 29.14 -3.11
C GLU A 104 -12.43 28.81 -1.98
N PRO A 105 -12.58 27.53 -1.58
CA PRO A 105 -13.52 27.15 -0.53
C PRO A 105 -13.38 27.98 0.73
N GLY A 106 -14.48 28.14 1.45
CA GLY A 106 -14.40 28.87 2.73
C GLY A 106 -13.93 27.96 3.84
N ARG A 107 -14.18 28.35 5.10
CA ARG A 107 -13.85 27.48 6.26
C ARG A 107 -14.80 27.84 7.40
N PRO A 108 -16.09 27.43 7.36
CA PRO A 108 -17.07 27.84 8.38
C PRO A 108 -16.55 27.59 9.79
N ALA A 109 -16.12 28.65 10.47
CA ALA A 109 -15.55 28.48 11.82
C ALA A 109 -16.50 27.65 12.68
N ASN A 110 -15.98 26.67 13.41
CA ASN A 110 -16.81 25.90 14.36
C ASN A 110 -16.08 25.91 15.70
N ARG A 111 -16.78 25.66 16.80
CA ARG A 111 -16.11 25.80 18.11
C ARG A 111 -16.08 24.44 18.81
N HIS A 112 -15.49 23.42 18.20
CA HIS A 112 -15.34 22.13 18.90
C HIS A 112 -14.66 22.41 20.25
N ILE A 113 -15.05 21.73 21.32
CA ILE A 113 -14.36 21.87 22.63
C ILE A 113 -14.73 20.66 23.50
N PRO A 114 -13.79 19.83 23.99
CA PRO A 114 -14.14 18.64 24.76
C PRO A 114 -14.88 18.93 26.07
N PRO A 115 -16.12 18.47 26.27
CA PRO A 115 -16.87 18.65 27.53
C PRO A 115 -16.41 17.64 28.56
N PRO A 116 -16.69 17.87 29.85
CA PRO A 116 -16.19 16.96 30.89
C PRO A 116 -16.84 15.59 30.85
N VAL A 117 -16.19 14.66 31.54
CA VAL A 117 -16.45 13.23 31.38
C VAL A 117 -17.08 12.69 32.66
N PRO A 118 -18.20 11.97 32.57
CA PRO A 118 -18.73 11.28 33.75
C PRO A 118 -18.29 9.84 33.84
N LEU A 119 -18.46 9.22 35.00
CA LEU A 119 -18.14 7.81 35.17
C LEU A 119 -19.11 6.93 34.39
N ASP A 120 -18.56 5.94 33.70
CA ASP A 120 -19.39 5.01 32.94
C ASP A 120 -20.01 3.97 33.87
N SER A 121 -21.25 3.58 33.56
CA SER A 121 -21.99 2.61 34.36
C SER A 121 -21.62 1.19 33.99
N ALA A 122 -22.45 0.23 34.40
CA ALA A 122 -22.17 -1.20 34.21
C ALA A 122 -22.65 -1.74 32.87
N ARG A 123 -22.75 -0.89 31.85
CA ARG A 123 -23.06 -1.34 30.49
C ARG A 123 -21.91 -2.08 29.82
N ILE A 124 -20.72 -2.05 30.42
CA ILE A 124 -19.52 -2.65 29.83
C ILE A 124 -19.68 -4.18 29.79
N PRO A 125 -19.34 -4.84 28.69
CA PRO A 125 -19.41 -6.31 28.65
C PRO A 125 -18.38 -6.95 29.56
N GLU A 126 -18.57 -8.25 29.79
CA GLU A 126 -17.79 -8.97 30.79
C GLU A 126 -16.34 -9.16 30.36
N ASP A 127 -16.11 -9.35 29.05
CA ASP A 127 -14.75 -9.61 28.57
C ASP A 127 -13.87 -8.38 28.65
N GLN A 128 -14.45 -7.20 28.55
CA GLN A 128 -13.69 -5.95 28.62
C GLN A 128 -13.94 -5.20 29.92
N GLN A 129 -14.17 -5.93 31.01
CA GLN A 129 -14.40 -5.27 32.30
C GLN A 129 -13.13 -4.69 32.88
N SER A 130 -12.00 -5.38 32.73
CA SER A 130 -10.75 -4.92 33.31
C SER A 130 -10.01 -3.95 32.39
N MET A 131 -10.08 -4.20 31.08
CA MET A 131 -9.40 -3.42 30.03
C MET A 131 -7.89 -3.34 30.25
N GLY A 132 -7.29 -4.47 30.63
CA GLY A 132 -5.86 -4.53 30.81
C GLY A 132 -5.15 -4.82 29.50
N GLN A 133 -4.34 -5.88 29.47
CA GLN A 133 -3.66 -6.30 28.25
C GLN A 133 -4.46 -7.39 27.57
N GLY A 134 -4.89 -7.15 26.34
CA GLY A 134 -5.63 -8.14 25.59
C GLY A 134 -7.02 -8.42 26.08
N SER A 135 -7.61 -7.51 26.86
CA SER A 135 -8.95 -7.70 27.39
C SER A 135 -9.96 -6.95 26.53
N GLY A 136 -10.21 -7.51 25.35
CA GLY A 136 -11.12 -6.88 24.41
C GLY A 136 -10.54 -5.60 23.85
N GLY A 137 -11.40 -4.62 23.61
CA GLY A 137 -10.96 -3.31 23.20
C GLY A 137 -10.72 -3.20 21.71
N ARG A 138 -10.48 -1.97 21.27
CA ARG A 138 -10.17 -1.68 19.88
C ARG A 138 -8.80 -1.07 19.68
N SER A 139 -8.38 -0.18 20.58
CA SER A 139 -7.02 0.41 20.64
C SER A 139 -6.69 1.16 19.34
N TRP A 140 -7.42 2.25 19.13
CA TRP A 140 -7.60 2.85 17.81
C TRP A 140 -6.63 3.99 17.50
N CYS A 141 -5.60 4.20 18.32
CA CYS A 141 -4.63 5.30 18.20
C CYS A 141 -5.29 6.66 18.14
N SER A 142 -4.61 7.65 17.54
CA SER A 142 -5.21 8.96 17.29
C SER A 142 -4.47 9.55 16.09
N ALA A 143 -5.13 9.55 14.93
CA ALA A 143 -4.57 9.99 13.66
C ALA A 143 -3.91 11.38 13.65
N PRO A 144 -4.35 12.37 14.41
CA PRO A 144 -3.50 13.54 14.63
C PRO A 144 -2.66 13.45 15.89
N PHE A 145 -1.49 14.09 15.82
CA PHE A 145 -0.78 14.43 17.04
C PHE A 145 -1.54 15.52 17.78
N VAL A 146 -1.25 15.66 19.07
CA VAL A 146 -1.66 16.82 19.83
C VAL A 146 -0.45 17.34 20.59
N GLU A 147 -0.25 18.65 20.55
CA GLU A 147 0.92 19.25 21.17
C GLU A 147 0.66 19.47 22.66
N VAL A 148 1.56 18.97 23.48
CA VAL A 148 1.52 19.27 24.90
C VAL A 148 2.47 20.44 25.14
N LYS A 149 2.20 21.22 26.18
CA LYS A 149 3.02 22.38 26.50
C LYS A 149 4.03 21.97 27.56
N LEU A 150 5.29 21.85 27.15
CA LEU A 150 6.35 21.50 28.08
C LEU A 150 6.59 22.67 29.03
N PRO A 151 6.94 22.40 30.28
CA PRO A 151 7.33 23.48 31.20
C PRO A 151 8.60 24.17 30.73
N PRO A 152 8.70 25.48 30.90
CA PRO A 152 9.86 26.21 30.36
C PRO A 152 11.16 25.94 31.08
N THR A 153 11.12 25.45 32.32
CA THR A 153 12.33 25.22 33.09
C THR A 153 12.60 23.75 33.41
N GLN A 154 11.58 22.89 33.36
CA GLN A 154 11.75 21.48 33.71
C GLN A 154 11.58 20.57 32.50
N TRP A 155 11.77 21.09 31.28
CA TRP A 155 11.63 20.26 30.09
C TRP A 155 12.80 19.30 29.93
N SER A 156 13.96 19.63 30.50
CA SER A 156 15.12 18.74 30.42
C SER A 156 14.89 17.47 31.22
N ASN A 157 14.24 17.58 32.38
CA ASN A 157 13.90 16.39 33.17
C ASN A 157 12.85 15.54 32.45
N VAL A 158 11.92 16.20 31.75
CA VAL A 158 10.92 15.48 30.96
C VAL A 158 11.58 14.72 29.82
N ARG A 159 12.56 15.35 29.16
CA ARG A 159 13.31 14.69 28.09
C ARG A 159 14.13 13.52 28.65
N GLU A 160 14.71 13.71 29.83
CA GLU A 160 15.49 12.64 30.46
C GLU A 160 14.61 11.44 30.81
N LYS A 161 13.38 11.70 31.29
CA LYS A 161 12.46 10.60 31.57
C LYS A 161 11.97 9.94 30.28
N LEU A 162 11.72 10.72 29.23
CA LEU A 162 11.26 10.16 27.98
C LEU A 162 12.36 9.43 27.20
N LEU A 163 13.63 9.66 27.55
CA LEU A 163 14.73 8.99 26.87
C LEU A 163 14.78 7.49 27.17
N LYS A 164 14.11 7.04 28.23
CA LYS A 164 14.03 5.61 28.51
C LYS A 164 13.25 4.88 27.44
N PHE A 165 12.19 5.51 26.92
CA PHE A 165 11.25 4.86 26.02
C PHE A 165 11.52 5.24 24.56
N ARG A 166 12.75 5.63 24.26
CA ARG A 166 13.15 6.03 22.92
C ARG A 166 13.26 4.81 22.02
N ILE A 167 12.66 4.89 20.83
CA ILE A 167 12.59 3.71 19.96
C ILE A 167 13.79 3.65 19.01
N GLU A 168 14.23 4.77 18.45
CA GLU A 168 15.37 4.75 17.55
C GLU A 168 16.65 4.58 18.37
N ASP A 169 17.74 4.22 17.66
CA ASP A 169 19.00 3.75 18.26
C ASP A 169 18.76 2.53 19.15
N ASP A 170 17.88 1.64 18.70
CA ASP A 170 17.82 0.27 19.21
C ASP A 170 18.24 -0.77 18.20
N ALA A 171 18.23 -0.43 16.91
CA ALA A 171 18.72 -1.33 15.88
C ALA A 171 20.21 -1.57 16.00
N ASP A 172 20.95 -0.59 16.51
CA ASP A 172 22.40 -0.71 16.59
C ASP A 172 22.83 -1.72 17.64
N ILE A 173 22.07 -1.89 18.72
CA ILE A 173 22.33 -2.97 19.66
C ILE A 173 22.11 -4.33 19.01
N VAL A 174 21.06 -4.46 18.20
CA VAL A 174 20.79 -5.74 17.54
C VAL A 174 21.85 -6.06 16.50
N ARG A 175 22.27 -5.06 15.73
CA ARG A 175 23.34 -5.26 14.75
C ARG A 175 24.68 -5.54 15.43
N ARG A 176 24.94 -4.88 16.56
CA ARG A 176 26.16 -5.13 17.33
C ARG A 176 26.17 -6.54 17.90
N TRP A 177 25.01 -7.02 18.36
CA TRP A 177 24.89 -8.38 18.86
C TRP A 177 25.09 -9.40 17.74
N ALA A 178 24.54 -9.11 16.56
CA ALA A 178 24.75 -10.00 15.41
C ALA A 178 26.22 -10.03 14.99
N GLU A 179 26.88 -8.87 14.99
CA GLU A 179 28.30 -8.81 14.66
C GLU A 179 29.15 -9.55 15.69
N ALA A 180 28.82 -9.40 16.98
CA ALA A 180 29.62 -10.02 18.02
C ALA A 180 29.37 -11.52 18.12
N LYS A 181 28.19 -11.99 17.71
CA LYS A 181 27.86 -13.40 17.88
C LYS A 181 28.09 -14.24 16.63
N PHE A 182 27.75 -13.72 15.44
CA PHE A 182 27.86 -14.52 14.22
C PHE A 182 28.87 -13.91 13.24
N GLY A 183 29.68 -12.96 13.71
CA GLY A 183 30.73 -12.41 12.86
C GLY A 183 30.25 -11.37 11.88
N SER A 184 29.53 -11.81 10.85
CA SER A 184 29.09 -10.92 9.77
C SER A 184 27.58 -10.85 9.75
N ILE A 185 27.06 -9.76 9.17
CA ILE A 185 25.62 -9.49 9.19
C ILE A 185 24.88 -10.48 8.29
N GLU A 186 25.41 -10.76 7.09
CA GLU A 186 24.75 -11.70 6.18
C GLU A 186 24.81 -13.13 6.71
N THR A 187 25.94 -13.50 7.32
CA THR A 187 26.06 -14.80 7.97
C THR A 187 25.10 -14.90 9.16
N ALA A 188 24.93 -13.80 9.90
CA ALA A 188 23.96 -13.77 10.99
C ALA A 188 22.54 -13.94 10.48
N ARG A 189 22.20 -13.29 9.36
CA ARG A 189 20.88 -13.41 8.78
C ARG A 189 20.60 -14.83 8.32
N ASP A 190 21.58 -15.47 7.66
CA ASP A 190 21.38 -16.83 7.17
C ASP A 190 21.29 -17.83 8.32
N GLY A 191 22.19 -17.74 9.30
CA GLY A 191 22.16 -18.64 10.44
C GLY A 191 20.93 -18.45 11.32
N LEU A 192 20.46 -17.21 11.46
CA LEU A 192 19.31 -16.94 12.28
C LEU A 192 18.01 -17.34 11.59
N ARG A 193 17.96 -17.22 10.26
CA ARG A 193 16.84 -17.80 9.51
C ARG A 193 16.86 -19.31 9.60
N ALA A 194 18.05 -19.92 9.62
CA ALA A 194 18.15 -21.37 9.78
C ALA A 194 17.68 -21.82 11.16
N SER A 195 18.05 -21.07 12.21
CA SER A 195 17.66 -21.45 13.56
C SER A 195 16.19 -21.14 13.86
N ALA A 196 15.63 -20.12 13.21
CA ALA A 196 14.23 -19.78 13.48
C ALA A 196 13.27 -20.76 12.84
N GLU A 197 13.69 -21.44 11.78
CA GLU A 197 12.83 -22.40 11.09
C GLU A 197 12.58 -23.63 11.95
N ILE A 198 11.44 -24.27 11.69
CA ILE A 198 11.06 -25.48 12.40
C ILE A 198 11.27 -26.66 11.46
N GLY A 199 11.74 -27.77 12.01
CA GLY A 199 12.01 -28.94 11.19
C GLY A 199 10.75 -29.76 10.94
N THR A 200 10.77 -30.49 9.84
CA THR A 200 9.71 -31.44 9.52
C THR A 200 9.92 -32.80 10.18
N SER A 201 11.04 -32.98 10.87
CA SER A 201 11.28 -34.22 11.61
C SER A 201 10.37 -34.27 12.82
N PRO A 202 9.65 -35.38 13.05
CA PRO A 202 8.68 -35.42 14.15
C PRO A 202 9.30 -35.57 15.54
N ASP A 203 10.63 -35.68 15.65
CA ASP A 203 11.24 -35.81 16.98
C ASP A 203 11.13 -34.51 17.77
N VAL A 204 11.50 -33.39 17.16
CA VAL A 204 11.36 -32.10 17.82
C VAL A 204 9.90 -31.71 17.96
N TRP A 205 9.06 -32.15 17.01
CA TRP A 205 7.62 -31.97 17.12
C TRP A 205 7.08 -32.65 18.37
N ARG A 206 7.41 -33.94 18.55
CA ARG A 206 6.95 -34.68 19.72
C ARG A 206 7.53 -34.13 21.02
N SER A 207 8.77 -33.63 20.97
CA SER A 207 9.36 -32.98 22.13
C SER A 207 8.58 -31.72 22.51
N PHE A 208 8.15 -30.93 21.53
CA PHE A 208 7.42 -29.71 21.85
C PHE A 208 5.99 -29.99 22.29
N ILE A 209 5.33 -31.03 21.75
CA ILE A 209 4.02 -31.41 22.29
C ILE A 209 4.17 -31.98 23.70
N SER A 210 5.26 -32.70 24.00
CA SER A 210 5.50 -33.16 25.36
C SER A 210 5.75 -32.00 26.31
N ARG A 211 6.44 -30.96 25.84
CA ARG A 211 6.60 -29.74 26.62
C ARG A 211 5.26 -29.02 26.82
N ALA A 212 4.37 -29.09 25.83
CA ALA A 212 3.04 -28.53 25.98
C ALA A 212 2.22 -29.31 27.01
N ILE A 213 2.33 -30.63 27.00
CA ILE A 213 1.57 -31.47 27.94
C ILE A 213 2.07 -31.25 29.36
N SER A 214 3.39 -31.21 29.55
CA SER A 214 3.96 -31.03 30.88
C SER A 214 3.78 -29.62 31.43
N ASN A 215 3.34 -28.66 30.61
CA ASN A 215 3.13 -27.29 31.05
C ASN A 215 1.71 -27.02 31.54
N GLY A 216 0.85 -28.03 31.57
CA GLY A 216 -0.49 -27.89 32.11
C GLY A 216 -1.62 -28.00 31.09
N LYS A 217 -1.36 -28.36 29.85
CA LYS A 217 -2.40 -28.48 28.83
C LYS A 217 -2.74 -29.96 28.65
N LYS A 218 -4.02 -30.30 28.80
CA LYS A 218 -4.48 -31.68 28.71
C LYS A 218 -5.21 -31.98 27.40
N ASP A 219 -5.17 -31.05 26.45
CA ASP A 219 -5.96 -31.22 25.19
C ASP A 219 -5.21 -32.05 24.14
N PHE A 220 -3.88 -32.10 24.21
CA PHE A 220 -3.10 -32.79 23.18
C PHE A 220 -2.54 -34.13 23.65
N GLU A 221 -3.22 -34.82 24.56
CA GLU A 221 -2.83 -36.18 24.90
C GLU A 221 -2.93 -37.18 23.74
N PRO A 222 -3.98 -37.22 22.90
CA PRO A 222 -3.90 -38.10 21.73
C PRO A 222 -2.97 -37.59 20.63
N LEU A 223 -2.49 -36.34 20.71
CA LEU A 223 -1.55 -35.85 19.72
C LEU A 223 -0.19 -36.50 19.84
N LEU A 224 0.17 -36.94 21.04
CA LEU A 224 1.44 -37.66 21.22
C LEU A 224 1.38 -39.05 20.61
N SER A 225 0.21 -39.69 20.63
CA SER A 225 0.04 -41.02 20.07
C SER A 225 -0.36 -41.00 18.60
N LEU A 226 -0.42 -39.82 17.99
CA LEU A 226 -0.79 -39.71 16.58
C LEU A 226 0.34 -40.22 15.70
N ASP A 227 -0.03 -40.70 14.51
CA ASP A 227 0.94 -41.14 13.51
C ASP A 227 1.80 -39.97 13.05
N ASP A 228 3.07 -40.26 12.75
CA ASP A 228 4.07 -39.24 12.47
C ASP A 228 3.73 -38.45 11.21
N ASP A 229 3.37 -39.14 10.13
CA ASP A 229 2.97 -38.45 8.91
C ASP A 229 1.61 -37.78 9.04
N GLU A 230 0.76 -38.28 9.95
CA GLU A 230 -0.51 -37.62 10.19
C GLU A 230 -0.33 -36.37 11.05
N LEU A 231 0.55 -36.42 12.05
CA LEU A 231 0.79 -35.23 12.87
C LEU A 231 1.62 -34.19 12.11
N THR A 232 2.40 -34.63 11.12
CA THR A 232 3.09 -33.68 10.24
C THR A 232 2.07 -32.89 9.41
N ALA A 233 1.04 -33.57 8.91
CA ALA A 233 -0.01 -32.92 8.12
C ALA A 233 -1.14 -32.35 8.97
N ASP A 234 -1.05 -32.47 10.30
CA ASP A 234 -2.07 -31.93 11.18
C ASP A 234 -1.86 -30.43 11.37
N ALA A 235 -2.87 -29.64 11.01
CA ALA A 235 -2.74 -28.18 11.09
C ALA A 235 -2.77 -27.69 12.53
N THR A 236 -3.62 -28.30 13.37
CA THR A 236 -3.71 -27.90 14.77
C THR A 236 -2.41 -28.21 15.52
N ALA A 237 -1.84 -29.39 15.29
CA ALA A 237 -0.54 -29.73 15.86
C ALA A 237 0.57 -28.84 15.32
N GLU A 238 0.45 -28.42 14.05
CA GLU A 238 1.40 -27.48 13.47
C GLU A 238 1.34 -26.13 14.17
N ARG A 239 0.13 -25.64 14.48
CA ARG A 239 -0.02 -24.38 15.20
C ARG A 239 0.50 -24.48 16.63
N VAL A 240 0.27 -25.62 17.28
CA VAL A 240 0.74 -25.83 18.65
C VAL A 240 2.26 -25.86 18.70
N VAL A 241 2.89 -26.63 17.78
CA VAL A 241 4.34 -26.73 17.77
C VAL A 241 4.96 -25.41 17.31
N ARG A 242 4.26 -24.63 16.48
CA ARG A 242 4.75 -23.31 16.08
C ARG A 242 4.74 -22.35 17.26
N ARG A 243 3.67 -22.37 18.06
CA ARG A 243 3.60 -21.48 19.23
C ARG A 243 4.65 -21.86 20.28
N TRP A 244 4.88 -23.15 20.48
CA TRP A 244 5.88 -23.52 21.49
C TRP A 244 7.31 -23.31 21.00
N HIS A 245 7.55 -23.50 19.70
CA HIS A 245 8.85 -23.13 19.12
C HIS A 245 9.07 -21.62 19.19
N GLN A 246 7.99 -20.84 19.00
CA GLN A 246 8.04 -19.40 19.20
C GLN A 246 8.48 -19.05 20.61
N ILE A 247 7.88 -19.70 21.61
CA ILE A 247 8.20 -19.42 23.02
C ILE A 247 9.66 -19.74 23.30
N ASP A 248 10.12 -20.93 22.87
CA ASP A 248 11.47 -21.36 23.18
C ASP A 248 12.53 -20.54 22.44
N TRP A 249 12.35 -20.36 21.12
CA TRP A 249 13.37 -19.68 20.32
C TRP A 249 13.40 -18.18 20.61
N VAL A 250 12.22 -17.57 20.82
CA VAL A 250 12.15 -16.16 21.19
C VAL A 250 12.78 -15.95 22.56
N GLY A 251 12.56 -16.87 23.50
CA GLY A 251 13.20 -16.78 24.80
C GLY A 251 14.72 -16.87 24.72
N ARG A 252 15.23 -17.81 23.91
CA ARG A 252 16.68 -17.97 23.79
C ARG A 252 17.35 -16.77 23.13
N MET A 253 16.83 -16.35 21.97
CA MET A 253 17.43 -15.21 21.27
C MET A 253 17.24 -13.90 22.04
N LEU A 254 16.10 -13.75 22.70
CA LEU A 254 15.86 -12.53 23.52
C LEU A 254 17.01 -12.40 24.52
N ASP A 255 17.25 -13.45 25.32
CA ASP A 255 18.36 -13.42 26.31
C ASP A 255 19.66 -13.06 25.57
N SER A 256 20.03 -13.86 24.56
CA SER A 256 21.25 -13.58 23.76
C SER A 256 21.36 -12.07 23.52
N ILE A 257 20.23 -11.40 23.32
CA ILE A 257 20.23 -9.97 23.00
C ILE A 257 20.26 -9.14 24.28
N LEU A 258 19.48 -9.53 25.29
CA LEU A 258 19.49 -8.80 26.55
C LEU A 258 20.73 -9.07 27.39
N GLU A 259 21.44 -10.16 27.13
CA GLU A 259 22.78 -10.31 27.71
C GLU A 259 23.75 -9.33 27.07
N THR A 260 23.57 -9.04 25.77
CA THR A 260 24.44 -8.09 25.10
C THR A 260 23.85 -6.67 25.02
N VAL A 261 23.12 -6.23 26.05
CA VAL A 261 22.55 -4.89 26.09
C VAL A 261 23.51 -3.95 26.80
N PRO A 262 23.86 -2.82 26.21
CA PRO A 262 24.74 -1.86 26.89
C PRO A 262 24.03 -1.16 28.04
N SER A 263 24.84 -0.66 28.98
CA SER A 263 24.29 0.05 30.13
C SER A 263 23.72 1.39 29.71
N GLY A 264 22.54 1.73 30.26
CA GLY A 264 21.83 2.95 29.93
C GLY A 264 20.52 2.69 29.22
N VAL A 265 20.45 1.64 28.40
CA VAL A 265 19.21 1.30 27.72
C VAL A 265 18.27 0.62 28.71
N SER A 266 17.05 1.13 28.80
CA SER A 266 16.04 0.54 29.68
C SER A 266 15.63 -0.83 29.16
N LYS A 267 15.88 -1.86 29.95
CA LYS A 267 15.71 -3.24 29.48
C LYS A 267 14.25 -3.67 29.39
N ASP A 268 13.33 -2.96 30.06
CA ASP A 268 11.93 -3.37 30.05
C ASP A 268 11.27 -3.11 28.70
N THR A 269 11.28 -1.85 28.26
CA THR A 269 10.64 -1.52 26.99
C THR A 269 11.43 -2.07 25.80
N PHE A 270 12.75 -2.19 25.93
CA PHE A 270 13.55 -2.85 24.91
C PHE A 270 13.22 -4.33 24.84
N ARG A 271 12.99 -4.96 25.99
CA ARG A 271 12.55 -6.35 26.04
C ARG A 271 11.21 -6.54 25.35
N SER A 272 10.26 -5.64 25.61
CA SER A 272 8.94 -5.73 24.99
C SER A 272 9.01 -5.54 23.47
N ARG A 273 9.77 -4.53 23.02
CA ARG A 273 9.88 -4.25 21.59
C ARG A 273 10.57 -5.38 20.85
N VAL A 274 11.70 -5.87 21.39
CA VAL A 274 12.46 -6.94 20.75
C VAL A 274 11.67 -8.25 20.77
N GLU A 275 10.92 -8.50 21.85
CA GLU A 275 10.08 -9.69 21.93
C GLU A 275 8.97 -9.66 20.87
N SER A 276 8.37 -8.49 20.66
CA SER A 276 7.37 -8.38 19.59
C SER A 276 7.99 -8.56 18.20
N ARG A 277 9.19 -8.01 17.98
CA ARG A 277 9.83 -8.17 16.68
C ARG A 277 10.23 -9.62 16.41
N LEU A 278 10.71 -10.33 17.44
CA LEU A 278 11.10 -11.72 17.25
C LEU A 278 9.89 -12.64 17.12
N LYS A 279 8.78 -12.30 17.79
CA LYS A 279 7.54 -13.03 17.56
C LYS A 279 7.04 -12.83 16.14
N THR A 280 7.15 -11.59 15.63
CA THR A 280 6.83 -11.28 14.24
C THR A 280 7.69 -12.09 13.28
N PHE A 281 8.99 -12.17 13.56
CA PHE A 281 9.91 -12.89 12.67
C PHE A 281 9.63 -14.39 12.68
N HIS A 282 9.47 -15.00 13.85
CA HIS A 282 9.34 -16.45 13.86
C HIS A 282 7.96 -16.87 13.38
N SER A 283 6.95 -16.00 13.54
CA SER A 283 5.67 -16.23 12.88
C SER A 283 5.81 -16.14 11.37
N SER A 284 6.50 -15.10 10.88
CA SER A 284 6.54 -14.86 9.44
C SER A 284 7.46 -15.80 8.69
N VAL A 285 8.40 -16.48 9.36
CA VAL A 285 9.19 -17.49 8.66
C VAL A 285 8.50 -18.84 8.67
N ASN A 286 7.65 -19.11 9.66
CA ASN A 286 7.05 -20.42 9.83
C ASN A 286 5.57 -20.47 9.53
N SER A 287 4.99 -19.38 9.03
CA SER A 287 3.59 -19.38 8.62
C SER A 287 3.50 -19.91 7.19
N PHE A 288 2.62 -20.88 6.98
CA PHE A 288 2.53 -21.60 5.71
C PHE A 288 1.09 -21.57 5.24
N GLU A 289 0.90 -21.35 3.94
CA GLU A 289 -0.42 -21.16 3.36
C GLU A 289 -0.83 -22.41 2.59
N LEU A 290 -2.12 -22.73 2.64
CA LEU A 290 -2.67 -23.93 2.00
C LEU A 290 -2.80 -23.67 0.50
N LYS A 291 -1.72 -23.93 -0.23
CA LYS A 291 -1.69 -23.81 -1.69
C LYS A 291 -1.89 -25.20 -2.28
N LYS A 292 -2.96 -25.37 -3.05
CA LYS A 292 -3.31 -26.67 -3.61
C LYS A 292 -2.88 -26.76 -5.07
N ARG A 293 -2.44 -27.94 -5.47
CA ARG A 293 -2.06 -28.20 -6.85
C ARG A 293 -3.28 -28.78 -7.60
N LYS A 294 -3.04 -29.29 -8.80
CA LYS A 294 -4.14 -29.84 -9.60
C LYS A 294 -4.61 -31.20 -9.08
N ASP A 295 -3.78 -31.91 -8.32
CA ASP A 295 -4.16 -33.19 -7.76
C ASP A 295 -4.75 -33.08 -6.36
N GLY A 296 -4.87 -31.87 -5.82
CA GLY A 296 -5.46 -31.66 -4.51
C GLY A 296 -4.49 -31.65 -3.36
N THR A 297 -3.22 -31.95 -3.59
CA THR A 297 -2.23 -31.94 -2.53
C THR A 297 -1.91 -30.51 -2.11
N VAL A 298 -1.76 -30.30 -0.81
CA VAL A 298 -1.51 -28.97 -0.26
C VAL A 298 -0.01 -28.72 -0.25
N GLU A 299 0.42 -27.66 -0.94
CA GLU A 299 1.81 -27.23 -0.91
C GLU A 299 1.99 -26.20 0.19
N ARG A 300 3.05 -26.37 0.98
CA ARG A 300 3.28 -25.55 2.17
C ARG A 300 4.00 -24.28 1.74
N LYS A 301 3.21 -23.32 1.24
CA LYS A 301 3.73 -22.06 0.71
C LYS A 301 3.74 -21.00 1.80
N ARG A 302 4.87 -20.32 1.96
CA ARG A 302 4.99 -19.26 2.95
C ARG A 302 4.36 -17.97 2.42
N LYS A 303 3.58 -17.30 3.28
CA LYS A 303 2.90 -16.06 2.86
C LYS A 303 3.91 -14.93 2.65
N HIS A 304 4.87 -14.79 3.56
CA HIS A 304 5.89 -13.76 3.43
C HIS A 304 6.82 -14.08 2.27
N THR A 305 7.15 -13.06 1.49
CA THR A 305 7.95 -13.27 0.29
C THR A 305 9.39 -13.62 0.63
N ASN A 306 10.01 -12.87 1.54
CA ASN A 306 11.37 -13.12 1.96
C ASN A 306 11.63 -12.52 3.34
N PRO A 307 11.27 -13.20 4.42
CA PRO A 307 11.48 -12.63 5.76
C PRO A 307 12.95 -12.73 6.18
N GLN A 308 13.42 -11.65 6.79
CA GLN A 308 14.75 -11.61 7.37
C GLN A 308 14.64 -11.24 8.84
N PHE A 309 15.77 -11.34 9.56
CA PHE A 309 15.80 -11.04 10.97
C PHE A 309 15.52 -9.56 11.21
N PRO A 310 14.86 -9.23 12.33
CA PRO A 310 14.57 -7.83 12.61
C PRO A 310 15.82 -7.00 12.85
N TYR A 311 15.70 -5.71 12.50
CA TYR A 311 16.75 -4.70 12.59
C TYR A 311 17.98 -5.05 11.78
N LEU A 312 17.83 -5.84 10.70
CA LEU A 312 18.94 -6.33 9.92
C LEU A 312 18.68 -6.18 8.43
N SER A 313 18.13 -5.03 8.02
CA SER A 313 18.04 -4.73 6.60
C SER A 313 19.44 -4.40 6.06
N PRO A 314 19.71 -4.70 4.78
CA PRO A 314 21.02 -4.37 4.22
C PRO A 314 21.21 -2.88 4.04
N SER A 315 22.01 -2.28 4.93
CA SER A 315 22.34 -0.87 4.80
C SER A 315 23.44 -0.70 3.75
N ALA A 316 23.36 0.38 3.00
CA ALA A 316 24.34 0.64 1.95
C ALA A 316 25.69 1.01 2.57
N VAL A 317 26.74 0.33 2.14
CA VAL A 317 28.09 0.58 2.62
C VAL A 317 28.83 1.44 1.60
N SER A 318 29.55 2.45 2.09
CA SER A 318 30.27 3.37 1.23
C SER A 318 31.59 2.73 0.84
N ILE A 319 31.56 1.96 -0.24
CA ILE A 319 32.78 1.33 -0.74
C ILE A 319 33.65 2.37 -1.44
N ASP A 320 34.94 2.08 -1.50
CA ASP A 320 35.87 3.03 -2.09
C ASP A 320 36.19 2.63 -3.53
N PRO A 321 36.55 3.60 -4.39
CA PRO A 321 36.86 3.25 -5.79
C PRO A 321 38.09 2.38 -5.98
N ASP A 322 38.99 2.31 -5.00
CA ASP A 322 40.24 1.58 -5.20
C ASP A 322 40.03 0.07 -5.22
N VAL A 323 39.18 -0.45 -4.33
CA VAL A 323 38.98 -1.89 -4.28
C VAL A 323 38.13 -2.38 -5.45
N VAL A 324 37.21 -1.54 -5.96
CA VAL A 324 36.47 -1.97 -7.14
C VAL A 324 37.35 -1.83 -8.38
N THR A 325 38.30 -0.89 -8.37
CA THR A 325 39.31 -0.82 -9.42
C THR A 325 40.17 -2.08 -9.45
N MET A 326 40.62 -2.53 -8.27
CA MET A 326 41.43 -3.74 -8.19
C MET A 326 40.64 -4.98 -8.58
N GLU A 327 39.38 -5.08 -8.14
CA GLU A 327 38.56 -6.23 -8.51
C GLU A 327 38.23 -6.23 -10.01
N ALA A 328 38.03 -5.05 -10.61
CA ALA A 328 37.76 -4.99 -12.04
C ALA A 328 38.98 -5.40 -12.86
N VAL A 329 40.16 -4.91 -12.49
CA VAL A 329 41.35 -5.28 -13.26
C VAL A 329 41.75 -6.73 -12.99
N GLU A 330 41.44 -7.27 -11.80
CA GLU A 330 41.71 -8.68 -11.54
C GLU A 330 40.72 -9.58 -12.26
N LEU A 331 39.50 -9.09 -12.47
CA LEU A 331 38.52 -9.86 -13.27
C LEU A 331 38.99 -9.82 -14.72
N LEU A 332 39.55 -8.68 -15.15
CA LEU A 332 40.07 -8.56 -16.51
C LEU A 332 41.31 -9.42 -16.72
N GLN A 333 42.04 -9.76 -15.66
CA GLN A 333 43.25 -10.57 -15.81
C GLN A 333 42.94 -12.00 -16.23
N MET A 334 41.82 -12.56 -15.78
CA MET A 334 41.47 -13.92 -16.18
C MET A 334 40.86 -13.93 -17.59
N GLN A 335 40.73 -15.15 -18.14
CA GLN A 335 40.29 -15.36 -19.52
C GLN A 335 38.88 -14.81 -19.74
N PRO A 336 38.63 -14.12 -20.86
CA PRO A 336 37.35 -13.42 -21.04
C PRO A 336 36.13 -14.31 -21.18
N GLU A 337 36.30 -15.59 -21.51
CA GLU A 337 35.15 -16.48 -21.62
C GLU A 337 34.56 -16.83 -20.26
N GLU A 338 35.40 -16.97 -19.24
CA GLU A 338 34.93 -17.22 -17.88
C GLU A 338 34.73 -15.95 -17.09
N ARG A 339 34.86 -14.78 -17.71
CA ARG A 339 34.60 -13.52 -17.03
C ARG A 339 33.12 -13.32 -16.70
N PHE A 340 32.23 -14.03 -17.39
CA PHE A 340 30.80 -13.96 -17.14
C PHE A 340 30.26 -15.26 -16.53
N ALA A 341 31.10 -15.94 -15.76
CA ALA A 341 30.68 -17.13 -15.04
C ALA A 341 30.03 -16.76 -13.72
N LYS A 342 29.45 -17.76 -13.07
CA LYS A 342 28.84 -17.56 -11.76
C LYS A 342 29.93 -17.36 -10.71
N ASP A 343 29.78 -16.30 -9.91
CA ASP A 343 30.75 -16.02 -8.86
C ASP A 343 30.57 -17.00 -7.72
N PRO A 344 31.60 -17.75 -7.33
CA PRO A 344 31.46 -18.66 -6.16
C PRO A 344 31.35 -17.91 -4.84
N ASN A 345 31.84 -16.68 -4.76
CA ASN A 345 31.79 -15.91 -3.53
C ASN A 345 30.47 -15.17 -3.34
N ASP A 346 29.64 -15.08 -4.38
CA ASP A 346 28.38 -14.35 -4.27
C ASP A 346 27.33 -15.19 -3.57
N ALA A 347 26.49 -14.53 -2.77
CA ALA A 347 25.41 -15.22 -2.07
C ALA A 347 24.34 -15.71 -3.03
N ASN A 348 24.01 -14.89 -4.03
CA ASN A 348 23.04 -15.27 -5.05
C ASN A 348 23.67 -16.06 -6.20
N GLY A 349 24.98 -16.22 -6.19
CA GLY A 349 25.67 -16.82 -7.33
C GLY A 349 25.60 -15.94 -8.56
N ARG A 350 25.82 -14.64 -8.40
CA ARG A 350 25.67 -13.69 -9.49
C ARG A 350 26.84 -13.81 -10.46
N MET A 351 26.69 -13.14 -11.60
CA MET A 351 27.77 -13.00 -12.57
C MET A 351 28.86 -12.11 -12.00
N ARG A 352 30.11 -12.36 -12.44
CA ARG A 352 31.23 -11.52 -12.03
C ARG A 352 31.08 -10.10 -12.57
N LEU A 353 30.61 -9.98 -13.81
CA LEU A 353 30.29 -8.67 -14.37
C LEU A 353 29.14 -8.02 -13.62
N ARG A 354 28.16 -8.81 -13.18
CA ARG A 354 27.04 -8.27 -12.41
C ARG A 354 27.48 -7.77 -11.05
N VAL A 355 28.36 -8.51 -10.36
CA VAL A 355 28.80 -8.07 -9.04
C VAL A 355 29.74 -6.88 -9.16
N LEU A 356 30.52 -6.80 -10.24
CA LEU A 356 31.33 -5.60 -10.44
C LEU A 356 30.47 -4.39 -10.84
N GLN A 357 29.37 -4.61 -11.57
CA GLN A 357 28.45 -3.52 -11.83
C GLN A 357 27.78 -3.04 -10.56
N ALA A 358 27.40 -3.96 -9.66
CA ALA A 358 26.83 -3.57 -8.38
C ALA A 358 27.85 -2.84 -7.51
N GLU A 359 29.11 -3.30 -7.54
CA GLU A 359 30.17 -2.64 -6.77
C GLU A 359 30.47 -1.25 -7.32
N LEU A 360 30.46 -1.09 -8.64
CA LEU A 360 30.61 0.23 -9.25
C LEU A 360 29.45 1.15 -8.91
N GLY A 361 28.24 0.57 -8.84
CA GLY A 361 27.09 1.34 -8.39
C GLY A 361 27.20 1.80 -6.95
N LYS A 362 27.76 0.95 -6.09
CA LYS A 362 28.04 1.37 -4.72
C LYS A 362 29.15 2.43 -4.68
N ALA A 363 30.15 2.30 -5.55
CA ALA A 363 31.27 3.23 -5.56
C ALA A 363 30.87 4.62 -6.04
N ARG A 364 29.87 4.70 -6.92
CA ARG A 364 29.29 6.00 -7.25
C ARG A 364 28.08 6.35 -6.38
N ARG A 365 27.59 5.41 -5.58
CA ARG A 365 26.55 5.69 -4.60
C ARG A 365 27.11 6.40 -3.38
N GLU A 366 28.38 6.13 -3.04
CA GLU A 366 28.99 6.74 -1.86
C GLU A 366 29.18 8.25 -2.02
N ALA A 367 29.23 8.76 -3.26
CA ALA A 367 29.28 10.20 -3.49
C ALA A 367 27.89 10.81 -3.70
N LEU A 368 26.86 9.98 -3.80
CA LEU A 368 25.49 10.43 -4.05
C LEU A 368 24.52 9.69 -3.13
N GLY A 369 24.83 9.67 -1.84
CA GLY A 369 24.10 8.82 -0.90
C GLY A 369 22.81 9.45 -0.41
N ARG A 370 22.69 9.63 0.91
CA ARG A 370 21.45 10.14 1.49
C ARG A 370 21.27 11.63 1.25
N ARG A 371 21.05 12.01 -0.01
CA ARG A 371 20.91 13.39 -0.42
C ARG A 371 19.94 13.45 -1.60
N GLY A 372 19.62 14.66 -2.04
CA GLY A 372 18.85 14.85 -3.25
C GLY A 372 17.38 14.55 -3.16
N GLU A 373 16.84 14.40 -1.95
CA GLU A 373 15.42 14.15 -1.79
C GLU A 373 14.62 15.43 -2.07
N LYS A 374 13.31 15.27 -2.20
CA LYS A 374 12.45 16.44 -2.45
C LYS A 374 11.92 17.07 -1.16
N ALA A 375 12.81 17.25 -0.17
CA ALA A 375 12.59 17.73 1.18
C ALA A 375 11.27 17.31 1.84
N PRO A 376 11.06 16.04 2.17
CA PRO A 376 9.93 15.68 3.05
C PRO A 376 10.34 15.39 4.49
N PRO A 377 10.64 16.41 5.33
CA PRO A 377 10.95 16.07 6.74
C PRO A 377 9.75 16.15 7.68
N TRP A 378 9.80 15.40 8.77
CA TRP A 378 8.88 15.65 9.88
C TRP A 378 9.47 16.78 10.71
N SER A 379 8.93 17.98 10.51
CA SER A 379 9.23 19.25 11.17
C SER A 379 10.61 19.81 10.85
N GLY A 380 11.45 19.10 10.11
CA GLY A 380 12.80 19.55 9.81
C GLY A 380 13.83 19.27 10.88
N ARG A 381 13.46 19.48 12.15
CA ARG A 381 14.39 19.45 13.25
C ARG A 381 14.72 18.03 13.68
N LYS A 382 15.55 17.92 14.72
CA LYS A 382 15.97 16.63 15.24
C LYS A 382 14.94 16.13 16.26
N VAL A 383 14.43 14.92 16.04
CA VAL A 383 13.38 14.35 16.87
C VAL A 383 13.81 12.96 17.35
N PHE A 384 13.09 12.48 18.36
CA PHE A 384 13.14 11.07 18.72
C PHE A 384 11.75 10.61 19.15
N ARG A 385 11.32 9.47 18.64
CA ARG A 385 9.97 8.97 18.83
C ARG A 385 9.94 8.04 20.05
N GLY A 386 8.85 7.31 20.21
CA GLY A 386 8.76 6.33 21.28
C GLY A 386 7.31 6.01 21.60
N THR A 387 7.15 5.22 22.67
CA THR A 387 5.82 4.84 23.14
C THR A 387 5.88 4.55 24.63
N THR A 388 4.78 4.83 25.32
CA THR A 388 4.67 4.69 26.77
C THR A 388 3.51 3.75 27.05
N THR A 389 3.77 2.44 27.07
CA THR A 389 2.69 1.45 27.03
C THR A 389 2.19 1.04 28.42
N ARG A 390 1.95 2.02 29.30
CA ARG A 390 1.46 1.77 30.64
C ARG A 390 0.74 3.00 31.15
N LYS A 391 -0.09 2.81 32.18
CA LYS A 391 -0.68 3.95 32.88
C LYS A 391 0.26 4.52 33.92
N ARG A 392 1.14 3.70 34.47
CA ARG A 392 2.20 4.21 35.34
C ARG A 392 3.22 5.01 34.54
N GLU A 393 3.31 4.74 33.24
CA GLU A 393 4.21 5.49 32.38
C GLU A 393 3.70 6.89 32.12
N ALA A 394 2.54 7.00 31.47
CA ALA A 394 1.92 8.29 31.17
C ALA A 394 0.46 8.05 30.84
N CYS A 395 -0.36 9.09 31.03
CA CYS A 395 -1.77 9.00 30.69
C CYS A 395 -2.33 10.40 30.47
N LEU A 396 -3.55 10.45 29.95
CA LEU A 396 -4.32 11.69 29.81
C LEU A 396 -5.33 11.78 30.95
N VAL A 397 -5.06 12.64 31.92
CA VAL A 397 -6.02 12.95 32.97
C VAL A 397 -6.85 14.14 32.54
N TRP A 398 -7.99 14.32 33.20
CA TRP A 398 -8.90 15.43 32.97
C TRP A 398 -8.92 16.31 34.19
N ASP A 399 -8.85 17.63 33.99
CA ASP A 399 -8.97 18.58 35.08
C ASP A 399 -10.45 18.79 35.38
N LYS A 400 -10.88 18.47 36.61
CA LYS A 400 -12.29 18.58 36.96
C LYS A 400 -12.73 20.02 37.12
N GLU A 401 -11.78 20.94 37.37
CA GLU A 401 -12.14 22.34 37.56
C GLU A 401 -12.47 23.02 36.23
N ALA A 402 -11.88 22.57 35.13
CA ALA A 402 -12.12 23.19 33.84
C ALA A 402 -13.37 22.62 33.19
N GLN A 403 -14.23 23.50 32.69
CA GLN A 403 -15.45 23.07 32.03
C GLN A 403 -15.25 22.74 30.56
N ALA A 404 -14.09 23.08 29.99
CA ALA A 404 -13.76 22.75 28.60
C ALA A 404 -12.26 22.78 28.43
N ASP A 405 -11.78 21.93 27.51
CA ASP A 405 -10.37 21.81 27.14
C ASP A 405 -9.47 21.50 28.34
N GLY A 406 -9.97 20.69 29.28
CA GLY A 406 -9.24 20.40 30.49
C GLY A 406 -8.44 19.12 30.43
N LEU A 407 -8.07 18.69 29.23
CA LEU A 407 -7.26 17.49 29.08
C LEU A 407 -5.82 17.79 29.43
N TYR A 408 -5.23 16.96 30.29
CA TYR A 408 -3.87 17.11 30.73
C TYR A 408 -3.12 15.79 30.54
N PHE A 409 -1.89 15.88 30.04
CA PHE A 409 -1.07 14.70 29.77
C PHE A 409 -0.11 14.51 30.94
N ALA A 410 -0.53 13.69 31.90
CA ALA A 410 0.27 13.47 33.10
C ALA A 410 1.37 12.45 32.83
N LEU A 411 2.60 12.79 33.17
CA LEU A 411 3.75 11.93 32.93
C LEU A 411 4.59 11.87 34.20
N VAL A 412 4.92 10.65 34.62
CA VAL A 412 5.48 10.42 35.95
C VAL A 412 7.00 10.47 35.90
N MET A 413 7.58 11.17 36.89
CA MET A 413 9.02 11.18 37.10
C MET A 413 9.29 11.36 38.58
N SER A 414 10.57 11.34 38.96
CA SER A 414 10.95 11.48 40.36
C SER A 414 10.66 12.88 40.88
N GLY A 415 10.93 13.90 40.07
CA GLY A 415 10.71 15.26 40.50
C GLY A 415 9.27 15.72 40.31
N GLY A 416 8.95 16.87 40.90
CA GLY A 416 7.64 17.45 40.77
C GLY A 416 6.77 17.21 41.98
N PRO A 417 5.64 17.92 42.05
CA PRO A 417 4.72 17.74 43.18
C PRO A 417 3.87 16.48 43.02
N LYS A 418 3.24 16.10 44.13
CA LYS A 418 2.34 14.96 44.12
C LYS A 418 1.08 15.28 43.32
N ILE A 419 0.53 14.27 42.65
CA ILE A 419 -0.65 14.45 41.84
C ILE A 419 -1.87 14.61 42.75
N ASP A 420 -2.83 15.42 42.30
CA ASP A 420 -4.04 15.67 43.06
C ASP A 420 -5.10 14.64 42.70
N ASP A 421 -5.58 13.90 43.70
CA ASP A 421 -6.56 12.85 43.49
C ASP A 421 -8.00 13.36 43.44
N LYS A 422 -8.25 14.60 43.87
CA LYS A 422 -9.59 15.16 43.85
C LYS A 422 -9.83 16.11 42.70
N ARG A 423 -8.78 16.69 42.13
CA ARG A 423 -8.91 17.62 41.02
C ARG A 423 -8.67 16.96 39.67
N PHE A 424 -7.78 15.97 39.61
CA PHE A 424 -7.50 15.26 38.37
C PHE A 424 -8.21 13.90 38.36
N VAL A 425 -8.78 13.57 37.20
CA VAL A 425 -9.60 12.38 37.00
C VAL A 425 -9.27 11.84 35.61
N TYR A 426 -9.25 10.51 35.46
CA TYR A 426 -8.97 9.89 34.16
C TYR A 426 -9.97 10.32 33.09
N MET A 427 -9.57 10.17 31.84
CA MET A 427 -10.37 10.66 30.73
C MET A 427 -11.63 9.82 30.47
N ASP A 428 -11.75 8.65 31.07
CA ASP A 428 -12.99 7.89 30.95
C ASP A 428 -14.09 8.45 31.84
N GLY A 429 -13.72 9.20 32.86
CA GLY A 429 -14.63 9.64 33.90
C GLY A 429 -14.45 8.95 35.23
N GLN A 430 -13.73 7.83 35.26
CA GLN A 430 -13.46 7.16 36.51
C GLN A 430 -12.42 7.96 37.32
N PRO A 431 -12.54 7.94 38.65
CA PRO A 431 -11.59 8.71 39.47
C PRO A 431 -10.20 8.08 39.48
N LEU A 432 -9.27 8.83 40.08
CA LEU A 432 -7.90 8.37 40.19
C LEU A 432 -7.78 7.18 41.14
N GLN A 433 -8.69 7.07 42.11
CA GLN A 433 -8.63 6.03 43.13
C GLN A 433 -9.15 4.69 42.66
N SER A 434 -9.78 4.62 41.48
CA SER A 434 -10.34 3.35 41.03
C SER A 434 -9.26 2.39 40.55
N ASP A 435 -8.24 2.90 39.86
CA ASP A 435 -7.26 2.04 39.22
C ASP A 435 -6.03 1.78 40.08
N TRP A 436 -5.70 2.70 40.99
CA TRP A 436 -4.50 2.68 41.84
C TRP A 436 -3.21 2.61 41.03
N GLN A 437 -3.18 3.15 39.81
CA GLN A 437 -1.99 2.95 38.99
C GLN A 437 -0.99 4.08 39.18
N LEU A 438 -1.45 5.30 39.43
CA LEU A 438 -0.56 6.42 39.70
C LEU A 438 -0.98 7.18 40.94
N HIS A 439 -1.92 6.66 41.72
CA HIS A 439 -2.31 7.28 42.97
C HIS A 439 -1.19 7.13 44.00
N ASN A 440 -1.00 8.18 44.80
CA ASN A 440 0.01 8.19 45.83
C ASN A 440 -0.61 7.88 47.19
N GLY A 441 0.14 7.15 48.01
CA GLY A 441 -0.36 6.81 49.33
C GLY A 441 -1.07 5.48 49.43
N VAL A 442 -2.39 5.51 49.29
CA VAL A 442 -3.27 4.37 49.57
C VAL A 442 -3.01 3.25 48.56
N ALA A 443 -3.18 2.00 49.02
CA ALA A 443 -3.02 0.77 48.24
C ALA A 443 -1.58 0.58 47.75
N GLY A 444 -0.63 1.06 48.53
CA GLY A 444 0.77 0.68 48.38
C GLY A 444 1.48 1.29 47.19
N LYS A 445 0.90 2.30 46.56
CA LYS A 445 1.55 2.96 45.43
C LYS A 445 1.77 4.42 45.77
N ALA A 446 2.93 4.96 45.38
CA ALA A 446 3.27 6.35 45.60
C ALA A 446 3.87 6.91 44.32
N LYS A 447 3.15 7.82 43.67
CA LYS A 447 3.60 8.39 42.40
C LYS A 447 3.26 9.86 42.33
N SER A 448 4.21 10.64 41.80
CA SER A 448 4.07 12.07 41.63
C SER A 448 4.39 12.43 40.19
N CYS A 449 3.54 13.26 39.58
CA CYS A 449 3.69 13.58 38.17
C CYS A 449 3.28 15.03 37.94
N ARG A 450 3.78 15.59 36.83
CA ARG A 450 3.38 16.92 36.40
C ARG A 450 2.41 16.78 35.22
N ALA A 451 1.25 17.41 35.34
CA ALA A 451 0.26 17.40 34.27
C ALA A 451 0.50 18.61 33.39
N MET A 452 1.22 18.41 32.30
CA MET A 452 1.45 19.50 31.37
C MET A 452 0.19 19.72 30.51
N PRO A 453 -0.20 20.98 30.31
CA PRO A 453 -1.45 21.26 29.58
C PRO A 453 -1.35 20.93 28.11
N LEU A 454 -2.50 20.66 27.51
CA LEU A 454 -2.58 20.25 26.12
C LEU A 454 -2.99 21.43 25.26
N ILE A 455 -2.34 21.56 24.10
CA ILE A 455 -2.65 22.61 23.13
C ILE A 455 -3.57 21.98 22.09
N LEU A 456 -4.88 22.15 22.27
CA LEU A 456 -5.86 21.57 21.37
C LEU A 456 -6.08 22.50 20.18
N LYS A 457 -5.75 22.02 18.99
CA LYS A 457 -5.92 22.74 17.75
C LYS A 457 -6.92 21.96 16.89
N HIS A 458 -7.05 22.36 15.62
CA HIS A 458 -8.15 21.91 14.77
C HIS A 458 -8.13 20.40 14.53
N ASP A 459 -6.95 19.82 14.32
CA ASP A 459 -6.86 18.41 13.97
C ASP A 459 -7.29 17.51 15.12
N PHE A 460 -6.74 17.74 16.32
CA PHE A 460 -7.09 16.90 17.45
C PHE A 460 -8.50 17.18 17.95
N LEU A 461 -8.97 18.43 17.86
CA LEU A 461 -10.35 18.73 18.24
C LEU A 461 -11.34 18.07 17.29
N ARG A 462 -11.02 18.06 15.99
CA ARG A 462 -11.86 17.39 15.01
C ARG A 462 -11.90 15.89 15.25
N TRP A 463 -10.73 15.29 15.54
CA TRP A 463 -10.68 13.85 15.76
C TRP A 463 -11.37 13.48 17.07
N TYR A 464 -11.24 14.30 18.10
CA TYR A 464 -11.88 14.02 19.38
C TYR A 464 -13.38 14.24 19.34
N HIS A 465 -13.85 15.17 18.51
CA HIS A 465 -15.28 15.35 18.34
C HIS A 465 -15.89 14.26 17.46
N ARG A 466 -15.15 13.79 16.47
CA ARG A 466 -15.66 12.73 15.59
C ARG A 466 -15.67 11.38 16.29
N HIS A 467 -14.61 11.06 17.04
CA HIS A 467 -14.36 9.70 17.46
C HIS A 467 -14.70 9.40 18.91
N ILE A 468 -14.77 10.40 19.78
CA ILE A 468 -14.91 10.17 21.20
C ILE A 468 -16.13 10.94 21.69
N LYS A 469 -17.08 10.23 22.28
CA LYS A 469 -18.25 10.86 22.89
C LYS A 469 -18.32 10.51 24.36
N ASN A 470 -17.18 10.67 25.05
CA ASN A 470 -17.01 10.23 26.43
C ASN A 470 -17.82 11.05 27.43
N HIS A 471 -18.40 12.17 27.02
CA HIS A 471 -19.18 13.01 27.93
C HIS A 471 -20.58 12.50 28.18
N ASP A 472 -21.02 11.51 27.39
CA ASP A 472 -22.39 10.97 27.53
C ASP A 472 -22.32 9.62 28.25
N VAL A 473 -22.96 9.52 29.43
CA VAL A 473 -23.00 8.23 30.15
C VAL A 473 -23.61 7.17 29.22
N ASN A 474 -24.79 7.47 28.64
CA ASN A 474 -25.44 6.46 27.82
C ASN A 474 -25.04 6.59 26.36
N ALA A 475 -23.77 6.89 26.11
CA ALA A 475 -23.23 6.97 24.77
C ALA A 475 -23.18 5.58 24.13
N PRO A 476 -23.12 5.52 22.80
CA PRO A 476 -22.80 4.24 22.15
C PRO A 476 -21.42 3.75 22.57
N LEU A 477 -21.30 2.42 22.73
CA LEU A 477 -20.12 1.85 23.35
C LEU A 477 -18.88 1.90 22.46
N GLU A 478 -19.06 2.14 21.16
CA GLU A 478 -17.91 2.34 20.28
C GLU A 478 -17.33 3.74 20.36
N LYS A 479 -18.00 4.65 21.07
CA LYS A 479 -17.49 6.00 21.26
C LYS A 479 -16.84 6.21 22.62
N ARG A 480 -17.24 5.44 23.63
CA ARG A 480 -16.55 5.48 24.91
C ARG A 480 -15.18 4.83 24.77
N CYS A 481 -14.25 5.24 25.64
CA CYS A 481 -12.89 4.75 25.53
C CYS A 481 -12.20 4.84 26.89
N VAL A 482 -11.01 4.22 26.95
CA VAL A 482 -10.06 4.41 28.03
C VAL A 482 -8.70 4.64 27.37
N HIS A 483 -7.82 5.33 28.07
CA HIS A 483 -6.50 5.63 27.54
C HIS A 483 -5.44 4.95 28.41
N THR A 484 -4.58 4.16 27.77
CA THR A 484 -3.48 3.51 28.46
C THR A 484 -2.12 3.94 27.93
N THR A 485 -1.95 4.00 26.61
CA THR A 485 -0.64 4.21 26.02
C THR A 485 -0.64 5.42 25.08
N THR A 486 0.58 5.91 24.81
CA THR A 486 0.80 7.14 24.06
C THR A 486 2.03 6.99 23.19
N GLN A 487 1.89 7.27 21.89
CA GLN A 487 3.02 7.25 20.96
C GLN A 487 3.56 8.67 20.80
N PHE A 488 4.33 9.10 21.79
CA PHE A 488 4.85 10.46 21.78
C PHE A 488 5.96 10.61 20.74
N VAL A 489 6.26 11.86 20.39
CA VAL A 489 7.45 12.21 19.64
C VAL A 489 7.99 13.52 20.19
N PHE A 490 9.26 13.51 20.59
CA PHE A 490 9.89 14.66 21.21
C PHE A 490 10.79 15.33 20.19
N VAL A 491 10.52 16.60 19.91
CA VAL A 491 11.37 17.38 19.02
C VAL A 491 12.45 18.04 19.87
N GLU A 492 13.71 17.72 19.58
CA GLU A 492 14.83 18.20 20.38
C GLU A 492 15.04 19.70 20.17
N PRO A 493 15.48 20.41 21.20
CA PRO A 493 15.75 21.85 21.04
C PRO A 493 16.97 22.09 20.16
N ASP A 494 16.99 23.26 19.54
CA ASP A 494 18.10 23.72 18.72
C ASP A 494 18.61 25.05 19.26
N GLU A 495 19.91 25.14 19.49
CA GLU A 495 20.52 26.37 19.98
C GLU A 495 21.14 27.21 18.87
N LYS A 496 21.25 26.67 17.66
CA LYS A 496 21.85 27.43 16.56
C LYS A 496 20.91 28.53 16.08
N LYS A 497 19.63 28.19 15.91
CA LYS A 497 18.62 29.19 15.54
C LYS A 497 17.74 29.60 16.71
N GLY A 498 18.01 29.10 17.90
CA GLY A 498 17.28 29.51 19.09
C GLY A 498 15.82 29.12 19.18
N LEU A 499 15.50 27.86 18.87
CA LEU A 499 14.13 27.39 19.02
C LEU A 499 13.87 26.90 20.44
N GLN A 500 12.62 26.52 20.67
CA GLN A 500 12.09 25.95 21.90
C GLN A 500 11.75 24.48 21.69
N PRO A 501 12.10 23.60 22.63
CA PRO A 501 11.74 22.18 22.50
C PRO A 501 10.23 21.98 22.60
N ARG A 502 9.70 21.17 21.69
CA ARG A 502 8.27 20.87 21.64
C ARG A 502 8.08 19.38 21.71
N LEU A 503 7.07 18.95 22.47
CA LEU A 503 6.72 17.54 22.59
C LEU A 503 5.32 17.34 22.01
N PHE A 504 5.22 16.52 20.98
CA PHE A 504 3.94 16.11 20.44
C PHE A 504 3.62 14.70 20.92
N ILE A 505 2.38 14.47 21.30
CA ILE A 505 1.97 13.15 21.75
C ILE A 505 0.84 12.66 20.86
N ARG A 506 0.89 11.36 20.56
CA ARG A 506 -0.19 10.68 19.88
C ARG A 506 -0.77 9.67 20.87
N PRO A 507 -1.93 9.94 21.46
CA PRO A 507 -2.51 8.98 22.40
C PRO A 507 -3.10 7.80 21.65
N VAL A 508 -3.19 6.68 22.34
CA VAL A 508 -3.81 5.47 21.80
C VAL A 508 -4.92 5.09 22.76
N PHE A 509 -6.16 5.36 22.36
CA PHE A 509 -7.32 5.09 23.20
C PHE A 509 -7.82 3.68 22.93
N LYS A 510 -7.93 2.87 23.98
CA LYS A 510 -8.55 1.56 23.87
C LYS A 510 -10.05 1.77 24.00
N PHE A 511 -10.74 1.81 22.87
CA PHE A 511 -12.17 2.00 22.87
C PHE A 511 -12.87 0.73 23.37
N TYR A 512 -14.03 0.91 23.98
CA TYR A 512 -14.84 -0.24 24.36
C TYR A 512 -15.40 -0.90 23.11
N ASP A 513 -15.41 -2.23 23.10
CA ASP A 513 -15.82 -2.97 21.92
C ASP A 513 -17.19 -3.59 22.16
N PRO A 514 -18.24 -3.10 21.51
CA PRO A 514 -19.56 -3.72 21.64
C PRO A 514 -19.63 -4.98 20.79
N VAL A 515 -20.77 -5.66 20.90
CA VAL A 515 -20.98 -6.94 20.23
C VAL A 515 -21.80 -6.76 18.94
N TYR A 516 -21.78 -5.55 18.37
CA TYR A 516 -22.52 -5.23 17.15
C TYR A 516 -22.06 -6.09 15.98
N GLU A 517 -23.01 -6.69 15.29
CA GLU A 517 -22.70 -7.58 14.18
C GLU A 517 -23.92 -7.70 13.28
N VAL A 518 -23.68 -8.03 12.02
CA VAL A 518 -24.71 -8.48 11.10
C VAL A 518 -24.49 -9.97 10.84
N PRO A 519 -25.53 -10.80 10.96
CA PRO A 519 -25.32 -12.25 10.85
C PRO A 519 -25.00 -12.67 9.43
N ASP A 520 -24.14 -13.70 9.33
CA ASP A 520 -23.71 -14.33 8.07
C ASP A 520 -23.09 -13.32 7.11
N SER A 521 -22.34 -12.35 7.65
CA SER A 521 -21.64 -11.39 6.82
C SER A 521 -20.53 -12.05 6.03
N HIS A 522 -19.79 -12.96 6.67
CA HIS A 522 -18.69 -13.67 6.02
C HIS A 522 -19.01 -15.15 5.79
N SER A 523 -20.27 -15.54 5.92
CA SER A 523 -20.67 -16.89 5.54
C SER A 523 -20.59 -17.02 4.02
N ILE A 524 -19.98 -18.11 3.56
CA ILE A 524 -19.69 -18.26 2.13
C ILE A 524 -20.98 -18.50 1.34
N ASP A 525 -21.86 -19.37 1.84
CA ASP A 525 -23.05 -19.75 1.11
C ASP A 525 -24.31 -19.03 1.60
N LYS A 526 -24.16 -18.03 2.46
CA LYS A 526 -25.30 -17.29 3.00
C LYS A 526 -25.16 -15.81 2.70
N LYS A 527 -26.24 -15.20 2.21
CA LYS A 527 -26.32 -13.76 2.12
C LYS A 527 -26.38 -13.16 3.52
N PRO A 528 -25.73 -12.02 3.76
CA PRO A 528 -25.82 -11.37 5.07
C PRO A 528 -27.24 -10.96 5.41
N ASP A 529 -27.65 -11.27 6.65
CA ASP A 529 -29.02 -11.03 7.10
C ASP A 529 -29.19 -9.55 7.39
N CYS A 530 -29.42 -8.79 6.32
CA CYS A 530 -29.63 -7.36 6.43
C CYS A 530 -30.51 -6.90 5.28
N ARG A 531 -31.15 -5.76 5.46
CA ARG A 531 -32.08 -5.26 4.44
C ARG A 531 -31.33 -4.66 3.26
N TYR A 532 -30.17 -4.05 3.50
CA TYR A 532 -29.45 -3.35 2.45
C TYR A 532 -28.13 -4.03 2.13
N LEU A 533 -27.70 -3.87 0.89
CA LEU A 533 -26.40 -4.33 0.43
C LEU A 533 -25.77 -3.20 -0.38
N ILE A 534 -24.53 -2.86 -0.06
CA ILE A 534 -23.81 -1.80 -0.75
C ILE A 534 -22.69 -2.43 -1.57
N GLY A 535 -22.70 -2.19 -2.87
CA GLY A 535 -21.72 -2.78 -3.76
C GLY A 535 -20.66 -1.80 -4.22
N ILE A 536 -19.45 -1.94 -3.70
CA ILE A 536 -18.35 -1.04 -4.05
C ILE A 536 -17.60 -1.62 -5.23
N ALA A 537 -17.41 -0.81 -6.27
CA ALA A 537 -16.65 -1.19 -7.45
C ALA A 537 -15.37 -0.37 -7.47
N ARG A 538 -14.29 -0.96 -6.97
CA ARG A 538 -13.01 -0.28 -6.98
C ARG A 538 -12.42 -0.30 -8.39
N GLY A 539 -12.12 0.88 -8.93
CA GLY A 539 -11.66 1.02 -10.29
C GLY A 539 -10.32 1.74 -10.33
N VAL A 540 -9.91 2.05 -11.56
CA VAL A 540 -8.58 2.61 -11.82
C VAL A 540 -8.61 4.13 -11.91
N ASN A 541 -9.57 4.69 -12.64
CA ASN A 541 -9.71 6.14 -12.76
C ASN A 541 -10.79 6.69 -11.85
N TYR A 542 -11.94 6.04 -11.77
CA TYR A 542 -12.90 6.27 -10.72
C TYR A 542 -12.52 5.40 -9.55
N PRO A 543 -12.20 5.98 -8.37
CA PRO A 543 -11.72 5.17 -7.24
C PRO A 543 -12.73 4.15 -6.74
N TYR A 544 -13.94 4.58 -6.44
CA TYR A 544 -14.99 3.63 -6.11
C TYR A 544 -16.31 4.16 -6.66
N ARG A 545 -17.23 3.24 -6.88
CA ARG A 545 -18.60 3.58 -7.23
C ARG A 545 -19.53 2.73 -6.38
N ALA A 546 -20.43 3.39 -5.67
CA ALA A 546 -21.33 2.72 -4.73
C ALA A 546 -22.74 2.69 -5.31
N ALA A 547 -23.35 1.51 -5.28
CA ALA A 547 -24.74 1.32 -5.71
C ALA A 547 -25.42 0.50 -4.63
N VAL A 548 -26.03 1.19 -3.66
CA VAL A 548 -26.65 0.51 -2.54
C VAL A 548 -27.92 -0.19 -3.02
N TYR A 549 -28.23 -1.33 -2.42
CA TYR A 549 -29.30 -2.17 -2.89
C TYR A 549 -30.14 -2.68 -1.73
N ASP A 550 -31.44 -2.46 -1.80
CA ASP A 550 -32.39 -2.95 -0.81
C ASP A 550 -33.11 -4.17 -1.39
N CYS A 551 -33.08 -5.28 -0.65
CA CYS A 551 -33.70 -6.51 -1.12
C CYS A 551 -35.21 -6.52 -0.96
N GLU A 552 -35.77 -5.61 -0.17
CA GLU A 552 -37.22 -5.57 0.01
C GLU A 552 -37.91 -5.04 -1.23
N THR A 553 -37.40 -3.96 -1.81
CA THR A 553 -37.93 -3.41 -3.05
C THR A 553 -37.28 -4.00 -4.28
N ASN A 554 -36.26 -4.86 -4.07
CA ASN A 554 -35.33 -5.40 -5.08
C ASN A 554 -34.95 -4.36 -6.15
N SER A 555 -34.34 -3.27 -5.67
CA SER A 555 -33.91 -2.21 -6.57
C SER A 555 -32.75 -1.44 -5.94
N ILE A 556 -31.97 -0.79 -6.80
CA ILE A 556 -30.93 0.13 -6.35
C ILE A 556 -31.58 1.40 -5.81
N ILE A 557 -31.04 1.90 -4.70
CA ILE A 557 -31.58 3.07 -4.03
C ILE A 557 -30.74 4.31 -4.30
N ALA A 558 -29.40 4.19 -4.28
CA ALA A 558 -28.53 5.34 -4.46
C ALA A 558 -27.34 4.97 -5.35
N ASP A 559 -26.71 5.99 -5.91
CA ASP A 559 -25.62 5.82 -6.87
C ASP A 559 -24.47 6.78 -6.60
N LYS A 560 -24.01 6.82 -5.35
CA LYS A 560 -22.92 7.72 -4.96
C LYS A 560 -21.61 7.33 -5.62
N PHE A 561 -20.85 8.33 -6.07
CA PHE A 561 -19.59 8.11 -6.76
C PHE A 561 -18.73 9.36 -6.64
N VAL A 562 -17.43 9.21 -6.92
CA VAL A 562 -16.49 10.31 -7.03
C VAL A 562 -15.80 10.23 -8.39
N ASP A 563 -15.00 11.26 -8.67
CA ASP A 563 -14.46 11.46 -10.02
C ASP A 563 -13.03 10.93 -10.20
N GLY A 564 -12.16 11.10 -9.21
CA GLY A 564 -10.79 10.64 -9.34
C GLY A 564 -9.92 11.60 -10.13
N ARG A 565 -8.61 11.39 -10.02
CA ARG A 565 -7.60 12.31 -10.55
C ARG A 565 -6.62 11.58 -11.46
N LYS A 566 -7.16 10.78 -12.40
CA LYS A 566 -6.31 10.04 -13.32
C LYS A 566 -5.66 10.95 -14.35
N ALA A 567 -6.46 11.83 -14.97
CA ALA A 567 -5.93 12.72 -16.01
C ALA A 567 -4.99 13.77 -15.43
N ASP A 568 -5.27 14.23 -14.21
CA ASP A 568 -4.35 15.12 -13.52
C ASP A 568 -3.03 14.41 -13.22
N TRP A 569 -3.09 13.13 -12.88
CA TRP A 569 -1.87 12.34 -12.69
C TRP A 569 -1.10 12.19 -13.99
N GLU A 570 -1.81 12.02 -15.12
CA GLU A 570 -1.15 11.96 -16.41
C GLU A 570 -0.43 13.26 -16.75
N ARG A 571 -1.08 14.40 -16.47
CA ARG A 571 -0.47 15.70 -16.74
C ARG A 571 0.75 15.95 -15.85
N ILE A 572 0.64 15.61 -14.56
CA ILE A 572 1.77 15.78 -13.63
C ILE A 572 2.91 14.85 -14.01
N ARG A 573 2.60 13.62 -14.44
CA ARG A 573 3.63 12.67 -14.85
C ARG A 573 4.35 13.13 -16.11
N ASN A 574 3.61 13.69 -17.07
CA ASN A 574 4.24 14.19 -18.29
C ASN A 574 5.13 15.40 -18.02
N GLU A 575 4.66 16.34 -17.20
CA GLU A 575 5.47 17.52 -16.90
C GLU A 575 6.67 17.16 -16.03
N LEU A 576 6.49 16.20 -15.11
CA LEU A 576 7.59 15.71 -14.30
C LEU A 576 8.64 14.99 -15.14
N ALA A 577 8.20 14.21 -16.13
CA ALA A 577 9.13 13.52 -17.02
C ALA A 577 9.92 14.50 -17.87
N TYR A 578 9.24 15.53 -18.40
CA TYR A 578 9.95 16.53 -19.21
C TYR A 578 10.95 17.34 -18.37
N HIS A 579 10.54 17.75 -17.16
CA HIS A 579 11.45 18.54 -16.32
C HIS A 579 12.60 17.69 -15.79
N GLN A 580 12.35 16.41 -15.50
CA GLN A 580 13.42 15.50 -15.10
C GLN A 580 14.41 15.27 -16.23
N ARG A 581 13.90 15.16 -17.47
CA ARG A 581 14.76 14.99 -18.63
C ARG A 581 15.63 16.21 -18.87
N ARG A 582 15.05 17.40 -18.79
CA ARG A 582 15.83 18.60 -19.04
C ARG A 582 16.81 18.89 -17.91
N ARG A 583 16.46 18.52 -16.67
CA ARG A 583 17.41 18.64 -15.57
C ARG A 583 18.57 17.66 -15.72
N ASP A 584 18.27 16.41 -16.06
CA ASP A 584 19.32 15.39 -16.13
C ASP A 584 20.22 15.56 -17.34
N LEU A 585 19.67 16.03 -18.47
CA LEU A 585 20.50 16.31 -19.62
C LEU A 585 21.39 17.54 -19.42
N LEU A 586 21.03 18.42 -18.49
CA LEU A 586 21.82 19.60 -18.19
C LEU A 586 22.75 19.41 -17.00
N ARG A 587 22.80 18.21 -16.42
CA ARG A 587 23.73 17.89 -15.35
C ARG A 587 24.98 17.17 -15.86
N ASN A 588 24.82 16.20 -16.75
CA ASN A 588 25.99 15.58 -17.37
C ASN A 588 26.71 16.56 -18.28
N SER A 589 25.96 17.36 -19.02
CA SER A 589 26.54 18.54 -19.64
C SER A 589 26.84 19.58 -18.56
N ARG A 590 27.91 20.34 -18.76
CA ARG A 590 28.39 21.23 -17.71
C ARG A 590 28.49 22.66 -18.20
N ALA A 591 29.14 23.52 -17.38
CA ALA A 591 29.20 24.98 -17.55
C ALA A 591 27.81 25.61 -17.57
N SER A 592 26.87 25.00 -16.85
CA SER A 592 25.51 25.52 -16.71
C SER A 592 24.95 24.92 -15.44
N SER A 593 24.84 25.72 -14.38
CA SER A 593 24.48 25.20 -13.08
C SER A 593 23.30 25.96 -12.48
N ALA A 594 23.12 27.21 -12.88
CA ALA A 594 21.92 27.95 -12.52
C ALA A 594 20.70 27.35 -13.20
N ALA A 595 20.89 26.80 -14.41
CA ALA A 595 19.85 26.02 -15.07
C ALA A 595 19.49 24.79 -14.26
N ILE A 596 20.50 24.12 -13.70
CA ILE A 596 20.29 22.96 -12.83
C ILE A 596 19.48 23.36 -11.60
N GLN A 597 19.81 24.50 -11.00
CA GLN A 597 19.07 24.94 -9.81
C GLN A 597 17.64 25.35 -10.12
N ARG A 598 17.42 26.05 -11.25
CA ARG A 598 16.04 26.43 -11.58
C ARG A 598 15.21 25.23 -12.02
N GLU A 599 15.84 24.19 -12.55
CA GLU A 599 15.00 23.02 -12.82
C GLU A 599 14.88 22.11 -11.61
N ILE A 600 15.77 22.23 -10.61
CA ILE A 600 15.51 21.63 -9.30
C ILE A 600 14.30 22.28 -8.64
N ARG A 601 14.19 23.62 -8.73
CA ARG A 601 13.00 24.27 -8.19
C ARG A 601 11.74 23.96 -9.01
N ALA A 602 11.88 23.71 -10.33
CA ALA A 602 10.72 23.28 -11.12
C ALA A 602 10.29 21.87 -10.74
N ILE A 603 11.26 20.99 -10.50
CA ILE A 603 10.98 19.66 -9.98
C ILE A 603 10.29 19.74 -8.63
N ALA A 604 10.69 20.69 -7.79
CA ALA A 604 10.06 20.87 -6.48
C ALA A 604 8.61 21.36 -6.61
N ARG A 605 8.36 22.24 -7.58
CA ARG A 605 6.98 22.67 -7.87
C ARG A 605 6.10 21.49 -8.27
N ILE A 606 6.60 20.66 -9.20
CA ILE A 606 5.82 19.51 -9.64
C ILE A 606 5.73 18.46 -8.54
N ARG A 607 6.73 18.39 -7.65
CA ARG A 607 6.68 17.49 -6.50
C ARG A 607 5.59 17.91 -5.53
N LYS A 608 5.42 19.22 -5.31
CA LYS A 608 4.33 19.71 -4.49
C LYS A 608 2.97 19.40 -5.12
N ARG A 609 2.86 19.62 -6.44
CA ARG A 609 1.58 19.35 -7.12
C ARG A 609 1.26 17.85 -7.15
N GLU A 610 2.27 16.99 -7.18
CA GLU A 610 2.04 15.55 -7.07
C GLU A 610 1.74 15.14 -5.63
N ARG A 611 2.36 15.83 -4.66
CA ARG A 611 2.06 15.63 -3.24
C ARG A 611 0.61 15.96 -2.93
N GLY A 612 0.00 16.85 -3.72
CA GLY A 612 -1.44 17.07 -3.62
C GLY A 612 -2.26 15.82 -3.90
N LEU A 613 -1.78 14.96 -4.81
CA LEU A 613 -2.44 13.68 -5.03
C LEU A 613 -2.13 12.72 -3.90
N ASN A 614 -3.17 12.10 -3.35
CA ASN A 614 -3.02 11.15 -2.25
C ASN A 614 -4.27 10.27 -2.19
N LYS A 615 -4.38 9.49 -1.12
CA LYS A 615 -5.58 8.71 -0.84
C LYS A 615 -6.52 9.42 0.12
N VAL A 616 -6.22 10.66 0.49
CA VAL A 616 -6.95 11.36 1.54
C VAL A 616 -8.36 11.71 1.09
N GLU A 617 -8.50 12.18 -0.16
CA GLU A 617 -9.83 12.46 -0.71
C GLU A 617 -10.65 11.19 -0.85
N THR A 618 -10.00 10.08 -1.22
CA THR A 618 -10.69 8.80 -1.37
C THR A 618 -11.21 8.28 -0.04
N VAL A 619 -10.36 8.27 1.00
CA VAL A 619 -10.82 7.82 2.31
C VAL A 619 -11.77 8.81 2.96
N GLU A 620 -11.70 10.10 2.57
CA GLU A 620 -12.68 11.08 3.02
C GLU A 620 -14.06 10.77 2.45
N SER A 621 -14.11 10.44 1.17
CA SER A 621 -15.39 10.06 0.58
C SER A 621 -15.88 8.72 1.08
N ILE A 622 -14.97 7.80 1.42
CA ILE A 622 -15.36 6.53 2.03
C ILE A 622 -15.98 6.77 3.40
N ALA A 623 -15.40 7.69 4.19
CA ALA A 623 -15.97 8.07 5.48
C ALA A 623 -17.33 8.73 5.32
N ARG A 624 -17.48 9.58 4.30
CA ARG A 624 -18.77 10.21 4.04
C ARG A 624 -19.81 9.19 3.62
N LEU A 625 -19.40 8.18 2.83
CA LEU A 625 -20.31 7.13 2.40
C LEU A 625 -20.75 6.26 3.57
N VAL A 626 -19.83 5.92 4.47
CA VAL A 626 -20.18 5.11 5.64
C VAL A 626 -21.08 5.89 6.58
N ASP A 627 -20.83 7.20 6.75
CA ASP A 627 -21.68 8.05 7.57
C ASP A 627 -23.08 8.18 6.97
N TRP A 628 -23.16 8.34 5.65
CA TRP A 628 -24.47 8.40 4.98
C TRP A 628 -25.21 7.07 5.11
N ALA A 629 -24.50 5.96 5.00
CA ALA A 629 -25.12 4.64 5.13
C ALA A 629 -25.67 4.43 6.52
N GLU A 630 -24.93 4.82 7.55
CA GLU A 630 -25.41 4.65 8.91
C GLU A 630 -26.51 5.65 9.25
N GLU A 631 -26.54 6.81 8.58
CA GLU A 631 -27.63 7.75 8.82
C GLU A 631 -28.92 7.31 8.14
N ASN A 632 -28.87 7.09 6.82
CA ASN A 632 -30.09 6.78 6.07
C ASN A 632 -30.51 5.32 6.26
N LEU A 633 -29.60 4.38 6.05
CA LEU A 633 -29.97 2.97 6.06
C LEU A 633 -30.21 2.45 7.48
N GLY A 634 -29.53 3.00 8.46
CA GLY A 634 -29.68 2.54 9.82
C GLY A 634 -28.61 1.54 10.21
N LYS A 635 -28.31 1.48 11.50
CA LYS A 635 -27.26 0.61 12.00
C LYS A 635 -27.70 -0.85 11.93
N CYS A 636 -26.72 -1.74 11.66
CA CYS A 636 -26.90 -3.20 11.55
C CYS A 636 -27.94 -3.55 10.48
N ASN A 637 -27.91 -2.83 9.35
CA ASN A 637 -28.86 -3.07 8.27
C ASN A 637 -28.19 -3.07 6.89
N TYR A 638 -26.86 -3.07 6.82
CA TYR A 638 -26.18 -3.00 5.54
C TYR A 638 -24.93 -3.87 5.58
N CYS A 639 -24.33 -4.05 4.41
CA CYS A 639 -23.09 -4.83 4.29
C CYS A 639 -22.37 -4.39 3.02
N PHE A 640 -21.21 -3.78 3.18
CA PHE A 640 -20.42 -3.30 2.04
C PHE A 640 -19.82 -4.50 1.32
N VAL A 641 -20.44 -4.91 0.23
CA VAL A 641 -19.89 -5.98 -0.59
C VAL A 641 -18.80 -5.39 -1.49
N LEU A 642 -17.62 -6.00 -1.46
CA LEU A 642 -16.51 -5.56 -2.28
C LEU A 642 -16.12 -6.66 -3.27
N ALA A 643 -15.67 -6.25 -4.44
CA ALA A 643 -15.09 -7.21 -5.38
C ALA A 643 -13.74 -7.67 -4.87
N ASP A 644 -13.50 -8.98 -4.90
CA ASP A 644 -12.24 -9.55 -4.42
C ASP A 644 -11.20 -9.39 -5.54
N LEU A 645 -10.68 -8.18 -5.65
CA LEU A 645 -9.62 -7.90 -6.60
C LEU A 645 -8.31 -8.51 -6.10
N SER A 646 -7.33 -8.60 -7.01
CA SER A 646 -6.03 -9.14 -6.66
C SER A 646 -5.30 -8.21 -5.70
N SER A 647 -4.63 -8.81 -4.72
CA SER A 647 -3.97 -8.02 -3.67
C SER A 647 -2.75 -7.28 -4.23
N ASN A 648 -2.10 -7.84 -5.24
CA ASN A 648 -0.92 -7.23 -5.84
C ASN A 648 -1.05 -7.22 -7.36
N LEU A 649 -2.20 -6.72 -7.80
CA LEU A 649 -2.42 -6.56 -9.26
C LEU A 649 -1.51 -5.44 -9.73
N ASN A 650 -0.92 -5.58 -10.92
CA ASN A 650 0.00 -4.60 -11.46
C ASN A 650 -0.73 -3.72 -12.47
N LEU A 651 -0.59 -2.42 -12.31
CA LEU A 651 -1.08 -1.44 -13.26
C LEU A 651 0.07 -0.90 -14.08
N GLY A 652 -0.24 0.05 -14.97
CA GLY A 652 0.77 0.69 -15.77
C GLY A 652 1.37 1.90 -15.08
N ARG A 653 1.22 3.07 -15.69
CA ARG A 653 1.74 4.30 -15.15
C ARG A 653 0.84 4.93 -14.09
N ASN A 654 -0.35 4.38 -13.89
CA ASN A 654 -1.30 4.92 -12.90
C ASN A 654 -1.18 4.17 -11.57
N ASN A 655 0.01 4.19 -11.00
CA ASN A 655 0.23 3.59 -9.69
C ASN A 655 -0.04 4.57 -8.55
N ARG A 656 0.18 5.86 -8.75
CA ARG A 656 -0.08 6.85 -7.71
C ARG A 656 -1.56 7.15 -7.54
N VAL A 657 -2.40 6.73 -8.47
CA VAL A 657 -3.84 6.91 -8.35
C VAL A 657 -4.52 5.55 -8.34
N LYS A 658 -3.80 4.52 -7.88
CA LYS A 658 -4.38 3.19 -7.79
C LYS A 658 -5.36 3.13 -6.62
N HIS A 659 -4.83 3.21 -5.40
CA HIS A 659 -5.59 3.29 -4.14
C HIS A 659 -6.65 2.18 -4.00
N ILE A 660 -6.37 1.00 -4.55
CA ILE A 660 -7.39 -0.04 -4.60
C ILE A 660 -7.53 -0.75 -3.27
N ALA A 661 -6.40 -1.18 -2.69
CA ALA A 661 -6.43 -1.81 -1.38
C ALA A 661 -6.67 -0.79 -0.26
N ALA A 662 -6.40 0.49 -0.53
CA ALA A 662 -6.67 1.53 0.47
C ALA A 662 -8.16 1.70 0.71
N ILE A 663 -9.00 1.45 -0.30
CA ILE A 663 -10.45 1.51 -0.11
C ILE A 663 -10.93 0.39 0.80
N LYS A 664 -10.41 -0.83 0.59
CA LYS A 664 -10.75 -1.96 1.46
C LYS A 664 -10.26 -1.74 2.89
N GLU A 665 -9.03 -1.23 3.03
CA GLU A 665 -8.50 -0.93 4.36
C GLU A 665 -9.29 0.16 5.06
N ALA A 666 -9.67 1.21 4.33
CA ALA A 666 -10.44 2.31 4.91
C ALA A 666 -11.85 1.87 5.28
N LEU A 667 -12.47 1.01 4.46
CA LEU A 667 -13.80 0.51 4.78
C LEU A 667 -13.76 -0.43 5.97
N ILE A 668 -12.71 -1.26 6.07
CA ILE A 668 -12.57 -2.16 7.21
C ILE A 668 -12.36 -1.37 8.49
N ASN A 669 -11.53 -0.33 8.44
CA ASN A 669 -11.31 0.50 9.62
C ASN A 669 -12.55 1.32 9.98
N GLN A 670 -13.26 1.82 8.98
CA GLN A 670 -14.46 2.61 9.23
C GLN A 670 -15.58 1.77 9.82
N MET A 671 -15.75 0.54 9.35
CA MET A 671 -16.74 -0.34 9.97
C MET A 671 -16.25 -0.95 11.28
N ARG A 672 -14.94 -0.95 11.53
CA ARG A 672 -14.45 -1.34 12.84
C ARG A 672 -14.74 -0.27 13.88
N LYS A 673 -14.56 1.00 13.51
CA LYS A 673 -14.81 2.08 14.46
C LYS A 673 -16.29 2.33 14.70
N ARG A 674 -17.18 1.80 13.86
CA ARG A 674 -18.61 1.96 14.06
C ARG A 674 -19.15 1.06 15.16
N GLY A 675 -18.36 0.09 15.61
CA GLY A 675 -18.77 -0.84 16.64
C GLY A 675 -18.96 -2.25 16.16
N TYR A 676 -18.93 -2.49 14.85
CA TYR A 676 -19.15 -3.80 14.29
C TYR A 676 -18.00 -4.73 14.69
N ARG A 677 -18.31 -6.01 14.84
CA ARG A 677 -17.36 -6.96 15.41
C ARG A 677 -16.22 -7.24 14.43
N PHE A 678 -15.04 -7.48 14.99
CA PHE A 678 -13.82 -7.69 14.22
C PHE A 678 -13.33 -9.10 14.51
N LYS A 679 -13.47 -9.98 13.53
CA LYS A 679 -13.00 -11.35 13.68
C LYS A 679 -11.48 -11.39 13.64
N LYS A 680 -10.92 -12.50 14.14
CA LYS A 680 -9.48 -12.66 14.23
C LYS A 680 -8.83 -12.87 12.87
N SER A 681 -9.61 -13.19 11.84
CA SER A 681 -9.07 -13.42 10.50
C SER A 681 -8.78 -12.12 9.75
N GLY A 682 -9.11 -10.97 10.32
CA GLY A 682 -8.95 -9.71 9.63
C GLY A 682 -10.19 -9.20 8.92
N LYS A 683 -11.35 -9.79 9.19
CA LYS A 683 -12.60 -9.39 8.57
C LYS A 683 -13.51 -8.75 9.60
N VAL A 684 -14.20 -7.69 9.20
CA VAL A 684 -15.15 -6.98 10.04
C VAL A 684 -16.54 -7.15 9.44
N ASP A 685 -17.53 -7.40 10.29
CA ASP A 685 -18.88 -7.66 9.83
C ASP A 685 -19.49 -6.42 9.19
N GLY A 686 -20.01 -6.60 7.98
CA GLY A 686 -20.45 -5.50 7.15
C GLY A 686 -19.54 -5.20 5.97
N VAL A 687 -18.36 -5.82 5.91
CA VAL A 687 -17.47 -5.72 4.75
C VAL A 687 -17.22 -7.13 4.25
N ARG A 688 -17.97 -7.56 3.25
CA ARG A 688 -17.87 -8.92 2.72
C ARG A 688 -17.15 -8.88 1.38
N GLU A 689 -16.12 -9.70 1.23
CA GLU A 689 -15.36 -9.81 -0.01
C GLU A 689 -15.89 -10.98 -0.82
N GLU A 690 -16.35 -10.70 -2.04
CA GLU A 690 -16.82 -11.73 -2.95
C GLU A 690 -16.17 -11.54 -4.31
N SER A 691 -15.73 -12.63 -4.90
CA SER A 691 -14.99 -12.60 -6.15
C SER A 691 -15.89 -12.27 -7.33
N ALA A 692 -15.34 -11.52 -8.29
CA ALA A 692 -16.07 -11.12 -9.50
C ALA A 692 -15.18 -11.35 -10.71
N TRP A 693 -15.51 -12.36 -11.49
CA TRP A 693 -14.95 -12.59 -12.80
C TRP A 693 -15.77 -11.82 -13.83
N TYR A 694 -15.70 -12.22 -15.11
CA TYR A 694 -16.45 -11.63 -16.23
C TYR A 694 -17.96 -11.51 -16.03
N THR A 695 -18.51 -12.17 -15.02
CA THR A 695 -19.88 -11.97 -14.56
C THR A 695 -20.15 -10.54 -14.09
N SER A 696 -19.11 -9.80 -13.71
CA SER A 696 -19.26 -8.38 -13.42
C SER A 696 -19.31 -7.50 -14.67
N ALA A 697 -19.26 -8.11 -15.85
CA ALA A 697 -19.41 -7.41 -17.11
C ALA A 697 -20.74 -7.69 -17.79
N VAL A 698 -21.69 -8.31 -17.10
CA VAL A 698 -22.99 -8.58 -17.70
C VAL A 698 -23.88 -7.35 -17.52
N ALA A 699 -24.86 -7.23 -18.40
CA ALA A 699 -25.70 -6.05 -18.48
C ALA A 699 -26.89 -6.16 -17.52
N PRO A 700 -27.38 -5.03 -17.02
CA PRO A 700 -28.64 -5.07 -16.25
C PRO A 700 -29.84 -5.44 -17.08
N SER A 701 -29.81 -5.19 -18.40
CA SER A 701 -30.91 -5.57 -19.26
C SER A 701 -30.97 -7.06 -19.54
N GLY A 702 -29.94 -7.81 -19.20
CA GLY A 702 -29.92 -9.24 -19.39
C GLY A 702 -28.94 -9.76 -20.44
N TRP A 703 -27.86 -9.04 -20.72
CA TRP A 703 -26.87 -9.47 -21.69
C TRP A 703 -25.57 -9.80 -20.96
N TRP A 704 -25.06 -11.02 -21.20
CA TRP A 704 -23.76 -11.42 -20.64
C TRP A 704 -22.64 -10.61 -21.27
N ALA A 705 -22.66 -10.47 -22.60
CA ALA A 705 -21.60 -9.88 -23.41
C ALA A 705 -20.26 -10.58 -23.15
N LYS A 706 -20.21 -11.84 -23.56
CA LYS A 706 -19.00 -12.64 -23.46
C LYS A 706 -17.90 -12.06 -24.33
N LYS A 707 -16.65 -12.33 -23.93
CA LYS A 707 -15.51 -11.80 -24.66
C LYS A 707 -15.37 -12.41 -26.05
N GLU A 708 -15.82 -13.65 -26.22
CA GLU A 708 -15.72 -14.31 -27.53
C GLU A 708 -16.65 -13.67 -28.55
N GLU A 709 -17.91 -13.43 -28.17
CA GLU A 709 -18.85 -12.84 -29.11
C GLU A 709 -18.57 -11.35 -29.31
N VAL A 710 -18.05 -10.68 -28.28
CA VAL A 710 -17.65 -9.28 -28.43
C VAL A 710 -16.47 -9.16 -29.38
N ASP A 711 -15.49 -10.07 -29.25
CA ASP A 711 -14.35 -10.08 -30.17
C ASP A 711 -14.78 -10.42 -31.60
N GLY A 712 -15.71 -11.36 -31.74
CA GLY A 712 -16.21 -11.70 -33.07
C GLY A 712 -16.99 -10.56 -33.72
N ALA A 713 -17.83 -9.87 -32.94
CA ALA A 713 -18.60 -8.76 -33.47
C ALA A 713 -17.72 -7.55 -33.77
N TRP A 714 -16.65 -7.34 -32.98
CA TRP A 714 -15.73 -6.25 -33.26
C TRP A 714 -14.83 -6.56 -34.45
N LYS A 715 -14.47 -7.83 -34.65
CA LYS A 715 -13.72 -8.20 -35.85
C LYS A 715 -14.60 -8.10 -37.09
N ALA A 716 -15.87 -8.48 -36.98
CA ALA A 716 -16.78 -8.33 -38.11
C ALA A 716 -17.15 -6.87 -38.34
N ASP A 717 -17.34 -6.10 -37.27
CA ASP A 717 -17.74 -4.70 -37.33
C ASP A 717 -16.77 -3.89 -36.47
N LYS A 718 -15.73 -3.33 -37.10
CA LYS A 718 -14.78 -2.50 -36.38
C LYS A 718 -15.39 -1.18 -35.96
N THR A 719 -16.26 -0.60 -36.80
CA THR A 719 -16.89 0.68 -36.51
C THR A 719 -17.91 0.62 -35.38
N ARG A 720 -18.33 -0.56 -34.96
CA ARG A 720 -19.30 -0.75 -33.89
C ARG A 720 -18.64 -1.59 -32.79
N PRO A 721 -17.97 -0.96 -31.84
CA PRO A 721 -17.34 -1.73 -30.76
C PRO A 721 -18.28 -1.94 -29.58
N LEU A 722 -18.25 -3.15 -29.04
CA LEU A 722 -19.10 -3.55 -27.93
C LEU A 722 -18.29 -3.63 -26.64
N ALA A 723 -18.96 -4.05 -25.57
CA ALA A 723 -18.42 -4.25 -24.21
C ALA A 723 -17.85 -2.92 -23.73
N ARG A 724 -16.61 -2.85 -23.26
CA ARG A 724 -15.99 -1.61 -22.84
C ARG A 724 -15.04 -1.06 -23.89
N LYS A 725 -15.05 -1.61 -25.10
CA LYS A 725 -14.23 -1.10 -26.20
C LYS A 725 -14.85 0.13 -26.85
N ILE A 726 -16.12 0.43 -26.53
CA ILE A 726 -16.82 1.57 -27.11
C ILE A 726 -16.20 2.88 -26.62
N GLY A 727 -15.77 2.93 -25.36
CA GLY A 727 -15.26 4.15 -24.78
C GLY A 727 -13.89 4.56 -25.28
N SER A 728 -13.13 3.62 -25.84
CA SER A 728 -11.80 3.93 -26.35
C SER A 728 -11.86 4.68 -27.68
N TYR A 729 -13.01 4.73 -28.33
CA TYR A 729 -13.14 5.34 -29.65
C TYR A 729 -13.66 6.77 -29.58
N TYR A 730 -13.87 7.31 -28.38
CA TYR A 730 -14.47 8.63 -28.21
C TYR A 730 -13.55 9.52 -27.38
N CYS A 731 -13.64 10.83 -27.64
CA CYS A 731 -12.82 11.79 -26.92
C CYS A 731 -13.31 11.96 -25.49
N CYS A 732 -12.36 12.24 -24.59
CA CYS A 732 -12.68 12.39 -23.18
C CYS A 732 -13.47 13.66 -22.91
N GLU A 733 -13.08 14.77 -23.53
CA GLU A 733 -13.78 16.03 -23.36
C GLU A 733 -14.93 16.12 -24.36
N GLU A 734 -15.52 17.30 -24.50
CA GLU A 734 -16.70 17.48 -25.33
C GLU A 734 -16.51 18.64 -26.29
N ILE A 735 -17.14 18.54 -27.45
CA ILE A 735 -17.23 19.62 -28.43
C ILE A 735 -18.69 19.82 -28.76
N ASP A 736 -19.22 21.02 -28.50
CA ASP A 736 -20.67 21.28 -28.72
C ASP A 736 -21.47 20.48 -27.69
N GLY A 737 -21.12 20.60 -26.41
CA GLY A 737 -21.85 19.93 -25.34
C GLY A 737 -21.83 18.42 -25.32
N LEU A 738 -20.98 17.80 -26.13
CA LEU A 738 -21.07 16.36 -26.37
C LEU A 738 -19.73 15.86 -26.89
N HIS A 739 -19.45 14.59 -26.60
CA HIS A 739 -18.20 13.97 -26.99
C HIS A 739 -18.32 13.35 -28.38
N LEU A 740 -17.31 13.59 -29.21
CA LEU A 740 -17.26 13.06 -30.57
C LEU A 740 -16.55 11.71 -30.57
N ARG A 741 -16.75 10.96 -31.65
CA ARG A 741 -15.96 9.78 -31.91
C ARG A 741 -14.74 10.15 -32.73
N GLY A 742 -13.75 9.27 -32.71
CA GLY A 742 -12.50 9.49 -33.43
C GLY A 742 -11.95 8.21 -34.00
N VAL A 743 -10.89 8.36 -34.78
CA VAL A 743 -10.20 7.24 -35.41
C VAL A 743 -8.86 7.08 -34.70
N LEU A 744 -8.56 5.86 -34.29
CA LEU A 744 -7.32 5.58 -33.58
C LEU A 744 -6.13 5.68 -34.53
N LYS A 745 -5.01 6.17 -34.00
CA LYS A 745 -3.74 6.05 -34.72
C LYS A 745 -3.27 4.61 -34.64
N GLY A 746 -2.74 4.09 -35.75
CA GLY A 746 -2.42 2.67 -35.87
C GLY A 746 -1.31 2.17 -34.97
N LEU A 747 -0.53 3.08 -34.36
CA LEU A 747 0.47 2.70 -33.39
C LEU A 747 -0.20 2.17 -32.12
N GLY A 748 0.39 1.13 -31.52
CA GLY A 748 -0.26 0.45 -30.41
C GLY A 748 -0.35 1.26 -29.14
N ARG A 749 0.71 1.98 -28.78
CA ARG A 749 0.75 2.73 -27.53
C ARG A 749 0.55 4.23 -27.72
N ALA A 750 0.93 4.77 -28.89
CA ALA A 750 0.62 6.16 -29.22
C ALA A 750 -0.77 6.24 -29.83
N LYS A 751 -1.77 6.08 -28.97
CA LYS A 751 -3.17 6.02 -29.39
C LYS A 751 -3.73 7.44 -29.39
N ARG A 752 -3.72 8.06 -30.57
CA ARG A 752 -4.20 9.42 -30.76
C ARG A 752 -5.49 9.39 -31.57
N LEU A 753 -6.55 9.99 -31.02
CA LEU A 753 -7.83 10.00 -31.72
C LEU A 753 -7.84 11.07 -32.80
N VAL A 754 -8.51 10.78 -33.91
CA VAL A 754 -8.68 11.74 -34.99
C VAL A 754 -10.15 12.11 -35.08
N LEU A 755 -10.52 13.24 -34.49
CA LEU A 755 -11.89 13.74 -34.50
C LEU A 755 -12.10 14.68 -35.69
N GLN A 756 -11.90 14.09 -36.88
CA GLN A 756 -11.84 14.80 -38.16
C GLN A 756 -10.82 15.94 -38.11
N SER A 757 -9.67 15.66 -37.52
CA SER A 757 -8.63 16.67 -37.31
C SER A 757 -7.75 16.75 -38.55
N ASP A 758 -8.17 17.59 -39.48
CA ASP A 758 -7.35 17.92 -40.64
C ASP A 758 -6.32 18.99 -40.34
N ASP A 759 -6.36 19.58 -39.14
CA ASP A 759 -5.36 20.55 -38.73
C ASP A 759 -4.02 19.85 -38.54
N PRO A 760 -2.92 20.40 -39.07
CA PRO A 760 -1.64 19.68 -39.03
C PRO A 760 -1.04 19.66 -37.63
N SER A 761 -0.63 18.46 -37.19
CA SER A 761 0.01 18.20 -35.90
C SER A 761 -0.85 18.67 -34.73
N ALA A 762 -2.16 18.43 -34.84
CA ALA A 762 -3.11 18.85 -33.82
C ALA A 762 -3.44 17.68 -32.91
N PRO A 763 -3.06 17.71 -31.64
CA PRO A 763 -3.47 16.63 -30.73
C PRO A 763 -4.95 16.68 -30.39
N THR A 764 -5.50 17.88 -30.19
CA THR A 764 -6.90 18.16 -29.81
C THR A 764 -7.21 17.38 -28.53
N ARG A 765 -8.34 16.69 -28.43
CA ARG A 765 -8.65 15.85 -27.28
C ARG A 765 -8.24 14.42 -27.63
N ARG A 766 -6.93 14.19 -27.66
CA ARG A 766 -6.39 12.88 -28.01
C ARG A 766 -6.65 11.83 -26.94
N ARG A 767 -6.86 12.24 -25.70
CA ARG A 767 -7.21 11.29 -24.64
C ARG A 767 -8.63 10.79 -24.82
N GLY A 768 -8.83 9.52 -24.50
CA GLY A 768 -10.14 8.90 -24.57
C GLY A 768 -10.57 8.32 -23.24
N PHE A 769 -11.81 7.84 -23.21
CA PHE A 769 -12.32 7.17 -22.01
C PHE A 769 -11.62 5.84 -21.79
N GLY A 770 -11.54 5.03 -22.83
CA GLY A 770 -10.90 3.71 -22.73
C GLY A 770 -11.92 2.62 -22.41
N SER A 771 -11.77 2.01 -21.25
CA SER A 771 -12.64 0.91 -20.81
C SER A 771 -13.67 1.36 -19.78
N GLU A 772 -13.90 2.67 -19.63
CA GLU A 772 -14.76 3.17 -18.58
C GLU A 772 -16.24 3.11 -18.91
N LEU A 773 -16.60 2.91 -20.18
CA LEU A 773 -18.00 3.00 -20.61
C LEU A 773 -18.46 1.65 -21.14
N PHE A 774 -19.61 1.20 -20.66
CA PHE A 774 -20.26 -0.02 -21.13
C PHE A 774 -21.48 0.39 -21.94
N TRP A 775 -21.53 -0.04 -23.19
CA TRP A 775 -22.67 0.19 -24.06
C TRP A 775 -23.38 -1.13 -24.31
N ASP A 776 -24.68 -1.17 -24.02
CA ASP A 776 -25.51 -2.34 -24.25
C ASP A 776 -26.46 -2.03 -25.39
N PRO A 777 -26.20 -2.53 -26.61
CA PRO A 777 -27.12 -2.28 -27.72
C PRO A 777 -28.45 -3.00 -27.61
N TYR A 778 -28.54 -4.03 -26.77
CA TYR A 778 -29.81 -4.72 -26.56
C TYR A 778 -30.73 -3.95 -25.62
N CYS A 779 -30.21 -2.95 -24.91
CA CYS A 779 -31.02 -2.12 -24.02
C CYS A 779 -31.38 -0.84 -24.75
N THR A 780 -32.40 -0.93 -25.61
CA THR A 780 -32.90 0.24 -26.31
C THR A 780 -33.85 1.08 -25.47
N GLU A 781 -34.20 0.60 -24.27
CA GLU A 781 -35.07 1.35 -23.37
C GLU A 781 -34.63 1.05 -21.94
N LEU A 782 -34.53 2.08 -21.11
CA LEU A 782 -34.08 1.92 -19.73
C LEU A 782 -34.58 3.10 -18.92
N CYS A 783 -35.37 2.81 -17.87
CA CYS A 783 -35.83 3.78 -16.87
C CYS A 783 -36.65 4.91 -17.49
N GLY A 784 -37.61 4.54 -18.34
CA GLY A 784 -38.47 5.52 -18.94
C GLY A 784 -37.83 6.38 -20.00
N HIS A 785 -36.72 5.93 -20.60
CA HIS A 785 -36.03 6.69 -21.61
C HIS A 785 -35.68 5.77 -22.78
N ALA A 786 -35.79 6.29 -23.99
CA ALA A 786 -35.57 5.51 -25.20
C ALA A 786 -34.25 5.90 -25.85
N PHE A 787 -33.53 4.89 -26.35
CA PHE A 787 -32.26 5.08 -27.04
C PHE A 787 -32.29 4.22 -28.30
N PRO A 788 -31.95 4.78 -29.47
CA PRO A 788 -32.01 4.00 -30.71
C PRO A 788 -31.01 2.85 -30.78
N GLN A 789 -29.71 3.16 -30.71
CA GLN A 789 -28.68 2.14 -30.68
C GLN A 789 -28.13 1.94 -29.25
N GLY A 790 -29.03 1.52 -28.35
CA GLY A 790 -28.62 1.15 -27.01
C GLY A 790 -28.19 2.29 -26.11
N VAL A 791 -27.91 1.99 -24.85
CA VAL A 791 -27.54 2.97 -23.84
C VAL A 791 -26.11 2.70 -23.39
N VAL A 792 -25.31 3.74 -23.35
CA VAL A 792 -23.92 3.66 -22.87
C VAL A 792 -23.92 4.05 -21.40
N LEU A 793 -23.48 3.12 -20.54
CA LEU A 793 -23.41 3.33 -19.11
C LEU A 793 -21.96 3.25 -18.66
N ASP A 794 -21.71 3.72 -17.44
CA ASP A 794 -20.38 3.60 -16.85
C ASP A 794 -20.08 2.14 -16.53
N ALA A 795 -18.85 1.72 -16.81
CA ALA A 795 -18.46 0.34 -16.52
C ALA A 795 -18.35 0.09 -15.02
N ASP A 796 -17.91 1.09 -14.26
CA ASP A 796 -17.82 0.95 -12.82
C ASP A 796 -19.21 0.88 -12.17
N PHE A 797 -20.19 1.57 -12.76
CA PHE A 797 -21.57 1.42 -12.29
C PHE A 797 -22.10 0.01 -12.52
N ILE A 798 -21.76 -0.58 -13.68
CA ILE A 798 -22.16 -1.95 -13.96
C ILE A 798 -21.48 -2.93 -13.01
N GLY A 799 -20.20 -2.68 -12.70
CA GLY A 799 -19.50 -3.51 -11.74
C GLY A 799 -20.06 -3.39 -10.33
N ALA A 800 -20.44 -2.17 -9.94
CA ALA A 800 -21.05 -1.95 -8.63
C ALA A 800 -22.42 -2.62 -8.53
N PHE A 801 -23.21 -2.54 -9.60
CA PHE A 801 -24.51 -3.21 -9.65
C PHE A 801 -24.36 -4.73 -9.57
N ASN A 802 -23.38 -5.28 -10.29
CA ASN A 802 -23.14 -6.73 -10.24
C ASN A 802 -22.64 -7.16 -8.89
N ILE A 803 -21.76 -6.38 -8.26
CA ILE A 803 -21.25 -6.69 -6.93
C ILE A 803 -22.37 -6.62 -5.89
N ALA A 804 -23.24 -5.60 -5.99
CA ALA A 804 -24.33 -5.47 -5.04
C ALA A 804 -25.39 -6.54 -5.21
N LEU A 805 -25.56 -7.07 -6.43
CA LEU A 805 -26.55 -8.13 -6.61
C LEU A 805 -25.95 -9.54 -6.52
N ARG A 806 -24.63 -9.65 -6.43
CA ARG A 806 -23.97 -10.97 -6.40
C ARG A 806 -24.31 -11.87 -5.20
N PRO A 807 -24.34 -11.41 -3.93
CA PRO A 807 -24.58 -12.38 -2.83
C PRO A 807 -25.96 -13.04 -2.85
N LEU A 808 -26.96 -12.42 -3.48
CA LEU A 808 -28.23 -13.12 -3.70
C LEU A 808 -28.05 -14.34 -4.60
N VAL A 809 -27.27 -14.19 -5.67
CA VAL A 809 -26.96 -15.29 -6.56
C VAL A 809 -26.13 -16.34 -5.83
N ARG A 810 -25.19 -15.89 -4.99
CA ARG A 810 -24.35 -16.80 -4.22
C ARG A 810 -25.16 -17.62 -3.23
N GLU A 811 -26.16 -17.00 -2.58
CA GLU A 811 -27.02 -17.75 -1.67
C GLU A 811 -27.97 -18.67 -2.43
N GLU A 812 -28.45 -18.24 -3.60
CA GLU A 812 -29.38 -19.06 -4.37
C GLU A 812 -28.70 -20.29 -4.96
N LEU A 813 -27.41 -20.18 -5.28
CA LEU A 813 -26.74 -21.29 -5.96
C LEU A 813 -26.12 -22.26 -4.97
N GLY A 814 -25.39 -21.76 -4.00
CA GLY A 814 -24.71 -22.60 -3.03
C GLY A 814 -23.21 -22.30 -2.98
N LYS A 815 -22.51 -23.13 -2.21
CA LYS A 815 -21.07 -22.93 -2.01
C LYS A 815 -20.29 -23.30 -3.26
N LYS A 816 -20.60 -24.44 -3.86
CA LYS A 816 -19.84 -24.93 -5.01
C LYS A 816 -20.43 -24.35 -6.28
N ALA A 817 -19.65 -23.51 -6.97
CA ALA A 817 -20.13 -22.81 -8.14
C ALA A 817 -18.96 -22.49 -9.06
N LYS A 818 -19.28 -22.34 -10.34
CA LYS A 818 -18.37 -21.80 -11.33
C LYS A 818 -18.93 -20.48 -11.85
N ALA A 819 -18.07 -19.73 -12.56
CA ALA A 819 -18.46 -18.41 -13.04
C ALA A 819 -19.54 -18.46 -14.11
N VAL A 820 -19.67 -19.56 -14.83
CA VAL A 820 -20.72 -19.68 -15.85
C VAL A 820 -22.10 -19.73 -15.20
N ASP A 821 -22.21 -20.45 -14.08
CA ASP A 821 -23.50 -20.57 -13.40
C ASP A 821 -23.90 -19.24 -12.75
N LEU A 822 -22.94 -18.54 -12.13
CA LEU A 822 -23.20 -17.21 -11.61
C LEU A 822 -23.56 -16.24 -12.72
N ALA A 823 -22.92 -16.39 -13.88
CA ALA A 823 -23.21 -15.53 -15.02
C ALA A 823 -24.63 -15.74 -15.56
N ASP A 824 -25.09 -16.99 -15.67
CA ASP A 824 -26.43 -17.20 -16.20
C ASP A 824 -27.50 -16.86 -15.17
N ARG A 825 -27.21 -17.08 -13.88
CA ARG A 825 -28.12 -16.64 -12.83
C ARG A 825 -28.25 -15.13 -12.80
N HIS A 826 -27.12 -14.42 -13.00
CA HIS A 826 -27.16 -12.97 -13.12
C HIS A 826 -27.91 -12.53 -14.37
N GLN A 827 -27.73 -13.26 -15.47
CA GLN A 827 -28.42 -12.94 -16.74
C GLN A 827 -29.93 -13.06 -16.59
N THR A 828 -30.36 -14.02 -15.76
CA THR A 828 -31.82 -14.21 -15.53
C THR A 828 -32.32 -13.22 -14.48
N LEU A 829 -31.55 -13.00 -13.41
CA LEU A 829 -32.03 -12.13 -12.29
C LEU A 829 -31.89 -10.64 -12.64
N ASN A 830 -30.85 -10.27 -13.39
CA ASN A 830 -30.60 -8.83 -13.66
C ASN A 830 -31.91 -8.11 -14.03
N PRO A 831 -32.56 -8.38 -15.18
CA PRO A 831 -33.75 -7.61 -15.60
C PRO A 831 -34.77 -7.40 -14.50
N THR A 832 -34.88 -8.33 -13.54
CA THR A 832 -35.94 -8.24 -12.53
C THR A 832 -35.68 -7.15 -11.51
N VAL A 833 -34.42 -6.83 -11.24
CA VAL A 833 -34.07 -5.75 -10.33
C VAL A 833 -34.10 -4.42 -11.07
N ALA A 834 -34.79 -3.44 -10.48
CA ALA A 834 -35.02 -2.15 -11.11
C ALA A 834 -34.06 -1.10 -10.56
N LEU A 835 -34.19 0.12 -11.06
CA LEU A 835 -33.35 1.25 -10.66
C LEU A 835 -34.24 2.39 -10.20
N ARG A 836 -34.05 2.83 -8.96
CA ARG A 836 -34.77 3.99 -8.43
C ARG A 836 -33.82 5.14 -8.06
N CYS A 837 -32.67 5.21 -8.72
CA CYS A 837 -31.72 6.30 -8.51
C CYS A 837 -31.29 6.86 -9.85
N GLY A 838 -30.84 8.10 -9.84
CA GLY A 838 -30.31 8.73 -11.04
C GLY A 838 -29.05 8.06 -11.52
N VAL A 839 -29.16 7.31 -12.60
CA VAL A 839 -28.07 6.48 -13.10
C VAL A 839 -27.41 7.19 -14.28
N THR A 840 -26.13 7.49 -14.14
CA THR A 840 -25.40 8.26 -15.14
C THR A 840 -25.21 7.44 -16.40
N ALA A 841 -25.70 7.97 -17.52
CA ALA A 841 -25.65 7.26 -18.80
C ALA A 841 -25.32 8.24 -19.90
N TYR A 842 -25.16 7.70 -21.11
CA TYR A 842 -24.82 8.47 -22.28
C TYR A 842 -25.79 8.15 -23.41
N GLU A 843 -25.94 9.09 -24.34
CA GLU A 843 -26.90 8.98 -25.43
C GLU A 843 -26.18 9.05 -26.77
N PHE A 844 -26.57 8.18 -27.69
CA PHE A 844 -26.06 8.19 -29.06
C PHE A 844 -26.80 9.27 -29.83
N VAL A 845 -26.14 10.42 -30.01
CA VAL A 845 -26.74 11.58 -30.64
C VAL A 845 -26.34 11.61 -32.11
N GLU A 846 -27.21 12.16 -32.95
CA GLU A 846 -27.00 12.19 -34.40
C GLU A 846 -25.93 13.22 -34.73
N VAL A 847 -24.74 12.75 -35.11
CA VAL A 847 -23.63 13.61 -35.52
C VAL A 847 -23.13 13.12 -36.86
N GLY A 848 -23.17 13.99 -37.87
CA GLY A 848 -22.57 13.71 -39.17
C GLY A 848 -23.22 12.60 -39.97
N GLY A 849 -24.54 12.57 -40.03
CA GLY A 849 -25.23 11.54 -40.79
C GLY A 849 -25.22 10.17 -40.15
N ASP A 850 -24.99 10.10 -38.84
CA ASP A 850 -24.89 8.83 -38.13
C ASP A 850 -25.24 9.04 -36.66
N PRO A 851 -26.18 8.27 -36.11
CA PRO A 851 -26.50 8.40 -34.67
C PRO A 851 -25.40 7.91 -33.75
N ARG A 852 -24.41 7.17 -34.25
CA ARG A 852 -23.27 6.75 -33.46
C ARG A 852 -22.13 7.76 -33.50
N GLY A 853 -22.36 8.93 -34.10
CA GLY A 853 -21.29 9.90 -34.28
C GLY A 853 -20.93 10.68 -33.03
N GLY A 854 -21.77 10.63 -32.00
CA GLY A 854 -21.52 11.44 -30.82
C GLY A 854 -22.02 10.79 -29.55
N LEU A 855 -21.53 11.30 -28.42
CA LEU A 855 -21.93 10.85 -27.10
C LEU A 855 -22.33 12.05 -26.26
N ARG A 856 -23.51 12.00 -25.66
CA ARG A 856 -24.03 13.08 -24.83
C ARG A 856 -24.54 12.52 -23.52
N LYS A 857 -24.11 13.12 -22.41
CA LYS A 857 -24.49 12.65 -21.08
C LYS A 857 -25.68 13.46 -20.55
N ILE A 858 -26.69 12.75 -20.04
CA ILE A 858 -27.81 13.34 -19.33
C ILE A 858 -27.84 12.65 -17.97
N LEU A 859 -28.67 13.14 -17.05
CA LEU A 859 -28.74 12.54 -15.71
C LEU A 859 -29.38 11.15 -15.74
N LEU A 860 -30.50 11.00 -16.48
CA LEU A 860 -31.32 9.78 -16.52
C LEU A 860 -31.77 9.35 -15.13
N ASN A 861 -32.65 10.16 -14.55
CA ASN A 861 -33.12 10.01 -13.19
C ASN A 861 -34.51 9.38 -13.16
N PRO A 862 -34.65 8.13 -12.70
CA PRO A 862 -35.98 7.59 -12.37
C PRO A 862 -36.79 8.41 -11.37
N ALA A 863 -36.14 9.16 -10.47
CA ALA A 863 -36.88 10.06 -9.58
C ALA A 863 -37.55 11.21 -10.34
N GLU A 864 -37.08 11.52 -11.55
CA GLU A 864 -37.77 12.42 -12.45
C GLU A 864 -38.58 11.69 -13.53
N ALA A 865 -38.32 10.41 -13.75
CA ALA A 865 -38.95 9.66 -14.84
C ALA A 865 -39.88 8.56 -14.35
N VAL A 866 -39.40 7.67 -13.48
CA VAL A 866 -40.19 6.51 -13.10
C VAL A 866 -41.24 6.87 -12.05
N ILE A 867 -40.82 7.50 -10.96
CA ILE A 867 -41.74 7.81 -9.87
C ILE A 867 -42.56 9.06 -10.18
#